data_6K41
#
_entry.id   6K41
#
_cell.length_a   1.00
_cell.length_b   1.00
_cell.length_c   1.00
_cell.angle_alpha   90.00
_cell.angle_beta   90.00
_cell.angle_gamma   90.00
#
_symmetry.space_group_name_H-M   'P 1'
#
loop_
_entity.id
_entity.type
_entity.pdbx_description
1 polymer 'Guanine nucleotide-binding protein G(o) subunit alpha'
2 polymer 'Guanine nucleotide-binding protein G(I)/G(S)/G(T) subunit beta-1'
3 polymer 'Guanine nucleotide-binding protein G(I)/G(S)/G(O) subunit gamma-2'
4 polymer 'Alpha-2A adrenergic receptor,Endolysin,Alpha-2B adrenergic receptor,Alpha-2B adrenergic receptor'
5 polymer scFv
6 non-polymer 4-[(1~{S})-1-(2,3-dimethylphenyl)ethyl]-1~{H}-imidazole
#
loop_
_entity_poly.entity_id
_entity_poly.type
_entity_poly.pdbx_seq_one_letter_code
_entity_poly.pdbx_strand_id
1 'polypeptide(L)'
;MGCTLSAEERAALERSKAIEKNLKEDGISAAKDVKLLLLGAGESGKSTIVKQMKIIHEDGFSGEDVKQYKPVVYSNTIQS
LAAIVRAMDTLGIEYGDKERKADAKMVCDVVSRMEDTEPFSAELLSAMMRLWGDSGIQECFNRSREYQLNDSAKYYLDSL
DRIGAADYQPTEQDILRTRVKTTGIVETHFTFKNLHFRLFDVGGQRSERKKWIHCFEDVTAIIFCVALSGYDQVLHEDET
TNRMHESLMLFDSICNNKFFIDTSIILFLNKKDLFGEKIKKSPLTICFPEYTGPNTYEDAAAYIQAQFESKNRSPNKEIY
CHMTCATDTNNIQVVFDAVTDIIIANNLRGCGLY
;
A
2 'polypeptide(L)'
;HHHHHHGSSGSELDQLRQEAEQLKNQIRDARKACADATLSQITNNIDPVGRIQMRTRRTLRGHLAKIYAMHWGTDSRLLV
SASQDGKLIIWDSYTTNKVHAIPLRSSWVMTCAYAPSGNYVACGGLDNICSIYNLKTREGNVRVSRELAGHTGYLSCCRF
LDDNQIVTSSGDTTCALWDIETGQQTTTFTGHTGDVMSLSLAPDTRLFVSGACDASAKLWDVREGMCRQTFTGHESDINA
ICFFPNGNAFATGSDDATCRLFDLRADQELMTYSHDNIICGITSVSFSKSGRLLLAGYDDFNCNVWDALKADRAGVLAGH
DNRVSCLGVTDDGMAVATGSWDSFLKIWN
;
B
3 'polypeptide(L)' MASNNTASIAQARKLVEQLKMEANIDRIKVSKAAADLMAYCEAHAKEDPLLTPVPASENPFREKKFFCAIL G
4 'polypeptide(L)'
;DDDDAHHHHHHMGSLQPDAGNASWNGTEAPGGGARATPENLYFQGNIFEMLRIDEGLRLKIYKDTEGYYTIGIGHLLTKS
PSLNAAKSELDKAIGRNTNGVITKDEAEKLFNQDVDAAVRGILRNAKLKPVYDSLDAVRRAALINMVFQMGETGVAGFTN
SLRMLQQKRWDEAAVNLAKSRWYNQTPNRAKRVITTFRTGTWDAYYSVQATAAIAAAITFLILFTIFGNALVILAVLTSR
SLRAPQNLFLVSLAAADILVATLIIPFSLANELLGYWYFRRTWCEVYLALDVLFCTSSIVHLCAISLDRYWAVSRALEYN
SKRTPRRIKCIILTVWLIAAVISLPPLIYKGDQGPQPRGRPQCKLNQEAWYILASSIGSFFAPCLIMILVYLRIYLIAKR
SNRRGPRAKGGPGQGEQWWRRRAQLTREKRFTFVLAVVIGVFVLCWFPFFFSYSLGAICPKHCKVPHGLFQFFFWIGYCN
SSLNPVIYTIFNQDFRRAFRRILCRPWTQTAW
;
R
5 'polypeptide(L)'
;MLLVNQSHQGFNKEHTSKMVSAIVLYVLLAAAAHSAFADVQLVESGGGLVQPGGSRKLSCSASGFAFSSFGMHWVRQAPE
KGLEWVAYISSGSGTIYYADTVKGRFTISRDDPKNTLFLQMTSLRSEDTAMYYCVRSIYYYGSSPFDFWGQGTTLTVSSG
GGGSGGGGSGGGGSDIVMTQATSSVPVTPGESVSISCRSSKSLLHSNGNTYLYWFLQRPGQSPQLLIYRMSNLASGVPDR
FSGSGSGTAFTLTISRLEAEDVGVYYCMQHLEYPLTFGAGTKLELKGSLEVLFQGPAAAHHHHHHHH
;
H
#
loop_
_chem_comp.id
_chem_comp.type
_chem_comp.name
_chem_comp.formula
CZX non-polymer 4-[(1~{S})-1-(2,3-dimethylphenyl)ethyl]-1~{H}-imidazole 'C13 H16 N2'
#
# COMPACT_ATOMS: atom_id res chain seq x y z
N LEU A 5 11.80 16.82 -17.90
CA LEU A 5 11.72 16.49 -16.48
C LEU A 5 12.93 17.13 -15.81
N SER A 6 12.68 18.20 -15.05
CA SER A 6 13.69 19.18 -14.69
C SER A 6 14.60 18.67 -13.57
N ALA A 7 15.39 19.58 -13.01
CA ALA A 7 16.42 19.20 -12.05
C ALA A 7 15.82 18.75 -10.73
N GLU A 8 14.81 19.48 -10.25
CA GLU A 8 14.14 19.10 -9.01
C GLU A 8 13.21 17.92 -9.19
N GLU A 9 12.77 17.65 -10.41
CA GLU A 9 11.92 16.49 -10.64
C GLU A 9 12.71 15.20 -10.77
N ARG A 10 13.98 15.28 -11.18
CA ARG A 10 14.82 14.08 -11.18
C ARG A 10 15.17 13.66 -9.76
N ALA A 11 15.36 14.64 -8.87
CA ALA A 11 15.74 14.38 -7.49
C ALA A 11 14.55 13.89 -6.66
N ALA A 12 13.36 14.41 -6.95
CA ALA A 12 12.14 13.88 -6.33
C ALA A 12 11.86 12.46 -6.78
N LEU A 13 12.17 12.13 -8.03
CA LEU A 13 12.01 10.78 -8.53
C LEU A 13 13.07 9.84 -7.95
N GLU A 14 14.27 10.34 -7.72
CA GLU A 14 15.31 9.57 -7.04
C GLU A 14 14.93 9.29 -5.59
N ARG A 15 14.34 10.28 -4.91
CA ARG A 15 13.82 10.09 -3.56
C ARG A 15 12.70 9.06 -3.52
N SER A 16 11.78 9.13 -4.49
CA SER A 16 10.71 8.15 -4.61
C SER A 16 11.24 6.72 -4.77
N LYS A 17 12.27 6.56 -5.61
CA LYS A 17 12.88 5.24 -5.82
C LYS A 17 13.60 4.74 -4.58
N ALA A 18 14.23 5.62 -3.80
CA ALA A 18 14.83 5.22 -2.53
C ALA A 18 13.77 4.73 -1.53
N ILE A 19 12.63 5.43 -1.47
CA ILE A 19 11.51 5.00 -0.64
C ILE A 19 11.01 3.61 -1.07
N GLU A 20 10.94 3.37 -2.38
CA GLU A 20 10.51 2.06 -2.90
C GLU A 20 11.48 0.94 -2.53
N LYS A 21 12.79 1.24 -2.57
CA LYS A 21 13.82 0.31 -2.09
C LYS A 21 13.56 -0.11 -0.66
N ASN A 22 13.36 0.88 0.23
CA ASN A 22 13.14 0.58 1.64
C ASN A 22 11.83 -0.18 1.88
N LEU A 23 10.79 0.11 1.08
CA LEU A 23 9.53 -0.61 1.20
C LEU A 23 9.70 -2.08 0.86
N LYS A 24 10.43 -2.38 -0.22
CA LYS A 24 10.62 -3.77 -0.60
C LYS A 24 11.50 -4.51 0.40
N GLU A 25 12.52 -3.84 0.95
CA GLU A 25 13.35 -4.48 1.97
C GLU A 25 12.57 -4.75 3.25
N ASP A 26 11.70 -3.83 3.66
CA ASP A 26 10.85 -4.05 4.82
C ASP A 26 9.84 -5.18 4.58
N GLY A 27 9.35 -5.33 3.35
CA GLY A 27 8.46 -6.43 3.07
C GLY A 27 9.14 -7.79 3.08
N ILE A 28 10.36 -7.86 2.55
CA ILE A 28 11.15 -9.08 2.64
C ILE A 28 11.47 -9.43 4.09
N SER A 29 11.80 -8.43 4.91
CA SER A 29 12.06 -8.69 6.33
C SER A 29 10.80 -9.10 7.08
N ALA A 30 9.64 -8.61 6.66
CA ALA A 30 8.39 -8.95 7.34
C ALA A 30 7.82 -10.28 6.89
N ALA A 31 8.21 -10.78 5.72
CA ALA A 31 7.70 -12.07 5.25
C ALA A 31 8.27 -13.26 6.04
N LYS A 32 9.34 -13.08 6.79
CA LYS A 32 10.00 -14.17 7.50
C LYS A 32 9.30 -14.54 8.81
N ASP A 33 8.36 -13.73 9.28
CA ASP A 33 7.73 -13.99 10.56
C ASP A 33 6.55 -14.96 10.41
N VAL A 34 6.11 -15.49 11.54
CA VAL A 34 4.94 -16.37 11.60
C VAL A 34 3.92 -15.68 12.49
N LYS A 35 2.80 -15.26 11.90
CA LYS A 35 1.75 -14.55 12.61
C LYS A 35 0.70 -15.51 13.12
N LEU A 36 0.21 -15.28 14.34
CA LEU A 36 -0.70 -16.22 15.00
C LEU A 36 -1.78 -15.46 15.76
N LEU A 37 -3.02 -15.93 15.65
CA LEU A 37 -4.11 -15.45 16.49
C LEU A 37 -4.31 -16.29 17.74
N LEU A 38 -4.83 -15.65 18.77
CA LEU A 38 -5.24 -16.30 20.02
C LEU A 38 -6.68 -15.89 20.30
N LEU A 39 -7.60 -16.85 20.26
CA LEU A 39 -9.04 -16.58 20.14
C LEU A 39 -9.89 -17.32 21.15
N GLY A 40 -9.36 -17.66 22.32
CA GLY A 40 -10.13 -18.37 23.31
C GLY A 40 -11.26 -17.55 23.93
N ALA A 41 -11.96 -18.18 24.87
CA ALA A 41 -13.21 -17.66 25.42
C ALA A 41 -13.05 -17.26 26.88
N GLY A 42 -12.76 -15.97 27.11
CA GLY A 42 -12.79 -15.41 28.45
C GLY A 42 -11.68 -15.86 29.39
N GLU A 43 -12.04 -16.71 30.36
CA GLU A 43 -11.07 -17.30 31.29
C GLU A 43 -10.88 -18.74 30.84
N SER A 44 -9.98 -18.93 29.88
CA SER A 44 -9.84 -20.20 29.18
C SER A 44 -8.41 -20.71 29.11
N GLY A 45 -7.42 -19.90 29.47
CA GLY A 45 -6.04 -20.34 29.40
C GLY A 45 -5.21 -19.54 28.43
N LYS A 46 -5.77 -18.44 27.92
CA LYS A 46 -5.03 -17.59 26.97
C LYS A 46 -3.83 -16.94 27.64
N SER A 47 -3.99 -16.49 28.88
CA SER A 47 -2.90 -15.88 29.62
C SER A 47 -1.83 -16.90 29.99
N THR A 48 -2.25 -18.15 30.25
CA THR A 48 -1.28 -19.20 30.53
C THR A 48 -0.49 -19.56 29.29
N ILE A 49 -1.14 -19.58 28.12
CA ILE A 49 -0.43 -19.87 26.88
C ILE A 49 0.54 -18.74 26.52
N VAL A 50 0.14 -17.48 26.68
CA VAL A 50 1.10 -16.41 26.39
C VAL A 50 2.17 -16.29 27.47
N LYS A 51 1.94 -16.84 28.66
CA LYS A 51 3.01 -16.92 29.65
C LYS A 51 4.03 -17.99 29.28
N GLN A 52 3.58 -19.08 28.67
CA GLN A 52 4.46 -20.16 28.22
C GLN A 52 5.21 -19.82 26.94
N MET A 53 4.77 -18.79 26.20
CA MET A 53 5.48 -18.32 25.02
C MET A 53 6.45 -17.19 25.34
N LYS A 54 7.02 -17.20 26.55
CA LYS A 54 7.97 -16.17 26.95
C LYS A 54 9.20 -16.83 27.59
N THR A 183 -5.40 -2.23 26.31
CA THR A 183 -6.83 -2.19 26.03
C THR A 183 -7.06 -2.56 24.57
N GLY A 184 -6.11 -2.22 23.71
CA GLY A 184 -6.21 -2.53 22.31
C GLY A 184 -5.80 -3.96 22.01
N ILE A 185 -4.94 -4.13 21.03
CA ILE A 185 -4.40 -5.44 20.69
C ILE A 185 -3.05 -5.59 21.38
N VAL A 186 -2.77 -6.79 21.87
CA VAL A 186 -1.50 -7.11 22.50
C VAL A 186 -0.75 -8.06 21.59
N GLU A 187 0.52 -7.78 21.36
CA GLU A 187 1.39 -8.59 20.52
C GLU A 187 2.58 -9.05 21.34
N THR A 188 2.79 -10.36 21.43
CA THR A 188 3.95 -10.93 22.09
C THR A 188 4.83 -11.64 21.06
N HIS A 189 6.13 -11.34 21.10
CA HIS A 189 7.12 -11.92 20.22
C HIS A 189 7.88 -13.01 20.96
N PHE A 190 8.18 -14.10 20.27
CA PHE A 190 9.14 -15.07 20.80
C PHE A 190 9.91 -15.68 19.64
N THR A 191 11.12 -16.13 19.95
CA THR A 191 12.01 -16.75 18.98
C THR A 191 12.21 -18.21 19.37
N PHE A 192 12.14 -19.10 18.39
CA PHE A 192 12.33 -20.52 18.63
C PHE A 192 12.93 -21.12 17.37
N LYS A 193 14.17 -21.65 17.50
CA LYS A 193 14.90 -22.33 16.43
C LYS A 193 15.14 -21.42 15.23
N ASN A 194 15.59 -20.19 15.52
CA ASN A 194 15.89 -19.13 14.54
C ASN A 194 14.68 -18.74 13.70
N LEU A 195 13.48 -18.82 14.29
CA LEU A 195 12.27 -18.28 13.68
C LEU A 195 11.58 -17.35 14.65
N HIS A 196 10.91 -16.35 14.11
CA HIS A 196 10.29 -15.29 14.89
C HIS A 196 8.78 -15.41 14.78
N PHE A 197 8.13 -15.57 15.92
CA PHE A 197 6.68 -15.73 15.99
C PHE A 197 6.05 -14.47 16.57
N ARG A 198 4.87 -14.13 16.05
CA ARG A 198 4.12 -12.95 16.49
C ARG A 198 2.72 -13.41 16.84
N LEU A 199 2.40 -13.39 18.13
CA LEU A 199 1.10 -13.83 18.61
C LEU A 199 0.27 -12.62 19.00
N PHE A 200 -0.97 -12.57 18.51
CA PHE A 200 -1.82 -11.40 18.69
C PHE A 200 -2.98 -11.77 19.60
N ASP A 201 -3.21 -10.95 20.62
CA ASP A 201 -4.25 -11.18 21.60
C ASP A 201 -5.26 -10.06 21.51
N VAL A 202 -6.50 -10.40 21.14
CA VAL A 202 -7.53 -9.42 20.85
C VAL A 202 -8.61 -9.42 21.92
N GLY A 203 -8.31 -9.91 23.12
CA GLY A 203 -9.29 -10.00 24.18
C GLY A 203 -9.69 -8.65 24.77
N GLY A 204 -8.82 -7.65 24.66
CA GLY A 204 -9.19 -6.31 25.10
C GLY A 204 -10.16 -5.60 24.18
N GLN A 205 -10.40 -6.15 23.00
CA GLN A 205 -11.43 -5.67 22.08
C GLN A 205 -12.77 -6.27 22.51
N ARG A 206 -13.55 -5.50 23.26
CA ARG A 206 -14.89 -5.91 23.68
C ARG A 206 -15.97 -5.47 22.69
N SER A 207 -15.60 -5.27 21.43
CA SER A 207 -16.51 -4.84 20.39
C SER A 207 -17.07 -6.04 19.63
N GLU A 208 -17.69 -5.77 18.49
CA GLU A 208 -18.18 -6.81 17.59
C GLU A 208 -17.01 -7.35 16.77
N ARG A 209 -16.84 -8.69 16.80
CA ARG A 209 -15.79 -9.32 15.98
C ARG A 209 -16.01 -9.15 14.50
N LYS A 210 -17.27 -9.03 14.07
CA LYS A 210 -17.62 -9.04 12.65
C LYS A 210 -17.04 -7.85 11.89
N LYS A 211 -16.60 -6.81 12.61
CA LYS A 211 -16.08 -5.60 12.02
C LYS A 211 -14.56 -5.51 12.05
N TRP A 212 -13.87 -6.43 12.71
CA TRP A 212 -12.41 -6.43 12.67
C TRP A 212 -11.77 -7.80 12.48
N ILE A 213 -12.54 -8.88 12.31
CA ILE A 213 -11.91 -10.19 12.24
C ILE A 213 -11.29 -10.44 10.87
N HIS A 214 -11.65 -9.64 9.87
CA HIS A 214 -11.05 -9.71 8.54
C HIS A 214 -9.65 -9.12 8.48
N CYS A 215 -9.21 -8.46 9.55
CA CYS A 215 -7.86 -7.92 9.63
C CYS A 215 -6.81 -9.03 9.76
N PHE A 216 -7.22 -10.23 10.17
CA PHE A 216 -6.33 -11.34 10.44
C PHE A 216 -6.53 -12.46 9.45
N GLU A 217 -6.91 -12.12 8.23
CA GLU A 217 -7.31 -13.12 7.25
C GLU A 217 -6.12 -13.90 6.73
N ASP A 218 -4.98 -13.25 6.54
CA ASP A 218 -3.78 -13.89 6.03
C ASP A 218 -2.81 -14.26 7.16
N VAL A 219 -3.35 -14.57 8.33
CA VAL A 219 -2.55 -15.10 9.42
C VAL A 219 -2.24 -16.56 9.11
N THR A 220 -1.16 -17.09 9.70
CA THR A 220 -0.78 -18.45 9.33
C THR A 220 -1.63 -19.49 10.04
N ALA A 221 -1.94 -19.29 11.32
CA ALA A 221 -2.79 -20.22 12.03
C ALA A 221 -3.49 -19.48 13.16
N ILE A 222 -4.40 -20.19 13.81
CA ILE A 222 -5.19 -19.70 14.94
C ILE A 222 -4.91 -20.62 16.12
N ILE A 223 -4.64 -20.04 17.29
CA ILE A 223 -4.55 -20.81 18.52
C ILE A 223 -5.81 -20.56 19.34
N PHE A 224 -6.58 -21.60 19.57
CA PHE A 224 -7.83 -21.53 20.32
C PHE A 224 -7.63 -22.21 21.66
N CYS A 225 -8.20 -21.64 22.71
CA CYS A 225 -7.98 -22.13 24.07
C CYS A 225 -9.30 -22.50 24.72
N VAL A 226 -9.34 -23.70 25.30
CA VAL A 226 -10.53 -24.25 25.96
C VAL A 226 -10.11 -24.76 27.33
N ALA A 227 -10.86 -24.39 28.36
CA ALA A 227 -10.67 -24.99 29.68
C ALA A 227 -11.44 -26.29 29.75
N LEU A 228 -10.73 -27.40 29.97
CA LEU A 228 -11.41 -28.69 30.09
C LEU A 228 -12.20 -28.80 31.38
N SER A 229 -11.82 -28.04 32.40
CA SER A 229 -12.52 -28.04 33.68
C SER A 229 -13.79 -27.21 33.67
N GLY A 230 -14.13 -26.57 32.56
CA GLY A 230 -15.31 -25.74 32.48
C GLY A 230 -16.52 -26.48 31.93
N TYR A 231 -16.50 -27.81 32.01
CA TYR A 231 -17.63 -28.60 31.54
C TYR A 231 -18.82 -28.50 32.48
N ASP A 232 -18.56 -28.31 33.78
CA ASP A 232 -19.62 -28.24 34.77
C ASP A 232 -19.91 -26.84 35.26
N GLN A 233 -19.02 -25.87 35.02
CA GLN A 233 -19.23 -24.52 35.50
C GLN A 233 -20.18 -23.77 34.57
N VAL A 234 -21.16 -23.09 35.16
CA VAL A 234 -22.06 -22.23 34.40
C VAL A 234 -21.46 -20.84 34.40
N LEU A 235 -21.96 -19.98 33.52
CA LEU A 235 -21.52 -18.59 33.46
C LEU A 235 -22.02 -17.78 34.65
N THR A 241 -27.25 -21.88 31.05
CA THR A 241 -26.08 -21.87 30.17
C THR A 241 -24.94 -22.72 30.72
N ASN A 242 -23.83 -22.74 29.98
CA ASN A 242 -22.67 -23.54 30.34
C ASN A 242 -21.43 -22.87 29.76
N ARG A 243 -20.28 -23.14 30.39
CA ARG A 243 -19.05 -22.51 29.96
C ARG A 243 -18.45 -23.19 28.73
N MET A 244 -18.60 -24.50 28.61
CA MET A 244 -18.01 -25.21 27.48
C MET A 244 -18.90 -25.19 26.25
N HIS A 245 -20.22 -25.09 26.42
CA HIS A 245 -21.10 -24.87 25.27
C HIS A 245 -20.86 -23.50 24.63
N GLU A 246 -20.48 -22.51 25.43
CA GLU A 246 -20.07 -21.22 24.88
C GLU A 246 -18.78 -21.37 24.08
N SER A 247 -17.88 -22.25 24.51
CA SER A 247 -16.65 -22.51 23.76
C SER A 247 -16.95 -23.24 22.45
N LEU A 248 -17.90 -24.18 22.46
CA LEU A 248 -18.34 -24.81 21.21
C LEU A 248 -18.96 -23.81 20.25
N MET A 249 -19.79 -22.89 20.78
CA MET A 249 -20.36 -21.83 19.95
C MET A 249 -19.29 -20.94 19.33
N LEU A 250 -18.31 -20.52 20.13
CA LEU A 250 -17.29 -19.61 19.63
C LEU A 250 -16.35 -20.32 18.66
N PHE A 251 -16.07 -21.60 18.89
CA PHE A 251 -15.23 -22.36 17.98
C PHE A 251 -15.92 -22.60 16.64
N ASP A 252 -17.22 -22.92 16.66
CA ASP A 252 -17.97 -23.05 15.42
C ASP A 252 -18.05 -21.72 14.67
N SER A 253 -18.17 -20.61 15.42
CA SER A 253 -18.22 -19.28 14.82
C SER A 253 -16.91 -18.92 14.12
N ILE A 254 -15.77 -19.17 14.76
CA ILE A 254 -14.51 -18.79 14.10
C ILE A 254 -14.04 -19.84 13.11
N CYS A 255 -14.55 -21.07 13.19
CA CYS A 255 -14.12 -22.13 12.28
C CYS A 255 -14.89 -22.11 10.98
N ASN A 256 -16.17 -21.76 11.03
CA ASN A 256 -16.99 -21.71 9.83
C ASN A 256 -17.10 -20.30 9.25
N ASN A 257 -16.17 -19.42 9.65
CA ASN A 257 -16.10 -18.06 9.14
C ASN A 257 -15.66 -18.06 7.68
N LYS A 258 -16.13 -17.09 6.91
CA LYS A 258 -15.72 -16.98 5.52
C LYS A 258 -14.35 -16.33 5.36
N PHE A 259 -13.74 -15.82 6.43
CA PHE A 259 -12.39 -15.32 6.35
C PHE A 259 -11.36 -16.33 6.83
N PHE A 260 -11.79 -17.42 7.44
CA PHE A 260 -10.85 -18.45 7.90
C PHE A 260 -11.23 -19.80 7.33
N ILE A 261 -11.52 -19.82 6.03
CA ILE A 261 -11.88 -21.06 5.36
C ILE A 261 -10.67 -21.95 5.14
N ASP A 262 -9.51 -21.37 4.89
CA ASP A 262 -8.28 -22.14 4.65
C ASP A 262 -7.25 -21.81 5.72
N THR A 263 -7.71 -21.55 6.94
CA THR A 263 -6.86 -21.25 8.07
C THR A 263 -7.04 -22.35 9.11
N SER A 264 -5.95 -22.99 9.49
CA SER A 264 -6.02 -24.10 10.41
C SER A 264 -5.79 -23.66 11.85
N ILE A 265 -6.15 -24.53 12.77
CA ILE A 265 -6.33 -24.17 14.17
C ILE A 265 -5.46 -25.08 15.02
N ILE A 266 -4.71 -24.49 15.96
CA ILE A 266 -4.07 -25.22 17.04
C ILE A 266 -4.96 -25.11 18.26
N LEU A 267 -5.59 -26.19 18.67
CA LEU A 267 -6.57 -26.17 19.74
C LEU A 267 -5.88 -26.66 21.02
N PHE A 268 -5.73 -25.77 22.00
CA PHE A 268 -5.20 -26.14 23.31
C PHE A 268 -6.36 -26.40 24.28
N LEU A 269 -6.42 -27.62 24.78
CA LEU A 269 -7.38 -28.00 25.81
C LEU A 269 -6.70 -27.83 27.17
N ASN A 270 -7.01 -26.73 27.85
CA ASN A 270 -6.29 -26.32 29.04
C ASN A 270 -6.92 -26.93 30.28
N LYS A 271 -6.32 -26.67 31.45
CA LYS A 271 -6.76 -27.15 32.76
C LYS A 271 -6.86 -28.68 32.79
N LYS A 272 -5.77 -29.33 32.39
CA LYS A 272 -5.76 -30.79 32.24
C LYS A 272 -5.80 -31.50 33.59
N ASP A 273 -5.04 -31.00 34.57
CA ASP A 273 -5.03 -31.61 35.89
C ASP A 273 -6.33 -31.30 36.65
N LEU A 274 -6.84 -30.07 36.51
CA LEU A 274 -8.10 -29.70 37.14
C LEU A 274 -9.25 -30.52 36.61
N PHE A 275 -9.26 -30.81 35.30
CA PHE A 275 -10.23 -31.74 34.75
C PHE A 275 -9.99 -33.16 35.26
N GLY A 276 -8.71 -33.53 35.45
CA GLY A 276 -8.38 -34.85 35.96
C GLY A 276 -8.87 -35.10 37.38
N GLU A 277 -8.97 -34.05 38.19
CA GLU A 277 -9.54 -34.23 39.53
C GLU A 277 -11.00 -33.81 39.65
N LYS A 278 -11.56 -33.08 38.68
CA LYS A 278 -13.00 -32.84 38.68
C LYS A 278 -13.78 -33.97 38.04
N ILE A 279 -13.13 -34.80 37.23
CA ILE A 279 -13.85 -35.86 36.55
C ILE A 279 -13.95 -37.09 37.45
N LEU A 284 -19.48 -35.96 33.11
CA LEU A 284 -19.47 -35.23 31.86
C LEU A 284 -20.91 -35.05 31.36
N THR A 285 -21.83 -35.85 31.89
CA THR A 285 -23.18 -35.91 31.33
C THR A 285 -24.09 -34.77 31.79
N ILE A 286 -23.57 -33.69 32.37
CA ILE A 286 -24.35 -32.48 32.52
C ILE A 286 -24.01 -31.45 31.46
N CYS A 287 -22.90 -31.62 30.74
CA CYS A 287 -22.62 -30.85 29.54
C CYS A 287 -23.04 -31.60 28.29
N PHE A 288 -22.76 -32.90 28.22
CA PHE A 288 -23.17 -33.75 27.11
C PHE A 288 -23.97 -34.92 27.66
N PRO A 289 -25.29 -34.79 27.81
CA PRO A 289 -26.09 -35.91 28.35
C PRO A 289 -26.31 -37.04 27.37
N GLU A 290 -25.97 -36.87 26.10
CA GLU A 290 -26.05 -37.93 25.10
C GLU A 290 -24.82 -38.84 25.12
N TYR A 291 -23.84 -38.53 25.97
CA TYR A 291 -22.54 -39.19 25.94
C TYR A 291 -22.62 -40.66 26.35
N THR A 292 -23.41 -40.95 27.40
CA THR A 292 -23.78 -42.27 27.94
C THR A 292 -22.63 -43.28 28.02
N GLY A 293 -21.42 -42.79 28.27
CA GLY A 293 -20.24 -43.63 28.28
C GLY A 293 -19.56 -43.66 29.63
N PRO A 294 -18.29 -44.07 29.65
CA PRO A 294 -17.57 -44.24 30.92
C PRO A 294 -17.21 -42.92 31.57
N ASN A 295 -16.79 -43.00 32.82
CA ASN A 295 -16.54 -41.84 33.66
C ASN A 295 -15.06 -41.76 34.03
N THR A 296 -14.20 -42.00 33.04
CA THR A 296 -12.75 -41.99 33.26
C THR A 296 -12.17 -40.83 32.45
N TYR A 297 -11.05 -40.30 32.92
CA TYR A 297 -10.31 -39.18 32.35
C TYR A 297 -9.99 -39.29 30.87
N GLU A 298 -9.43 -40.43 30.46
CA GLU A 298 -8.98 -40.70 29.10
C GLU A 298 -10.11 -40.63 28.09
N ASP A 299 -11.18 -41.38 28.36
CA ASP A 299 -12.28 -41.47 27.41
C ASP A 299 -13.11 -40.19 27.40
N ALA A 300 -13.22 -39.51 28.54
CA ALA A 300 -13.93 -38.23 28.61
C ALA A 300 -13.17 -37.15 27.84
N ALA A 301 -11.85 -37.10 28.01
CA ALA A 301 -11.05 -36.12 27.29
C ALA A 301 -11.06 -36.38 25.79
N ALA A 302 -11.00 -37.65 25.39
CA ALA A 302 -11.11 -37.99 23.96
C ALA A 302 -12.49 -37.66 23.41
N TYR A 303 -13.53 -37.79 24.24
CA TYR A 303 -14.89 -37.43 23.79
C TYR A 303 -15.03 -35.94 23.57
N ILE A 304 -14.51 -35.13 24.49
CA ILE A 304 -14.58 -33.68 24.34
C ILE A 304 -13.77 -33.23 23.13
N GLN A 305 -12.60 -33.85 22.90
CA GLN A 305 -11.80 -33.53 21.73
C GLN A 305 -12.50 -33.89 20.43
N ALA A 306 -13.11 -35.07 20.34
CA ALA A 306 -13.82 -35.47 19.13
C ALA A 306 -15.06 -34.61 18.91
N GLN A 307 -15.77 -34.29 19.99
CA GLN A 307 -16.95 -33.44 19.93
C GLN A 307 -16.58 -32.00 19.56
N PHE A 308 -15.33 -31.61 19.82
CA PHE A 308 -14.89 -30.26 19.53
C PHE A 308 -14.39 -30.17 18.09
N GLU A 309 -13.74 -31.23 17.59
CA GLU A 309 -13.24 -31.31 16.22
C GLU A 309 -14.30 -31.73 15.22
N SER A 310 -15.49 -32.12 15.67
CA SER A 310 -16.59 -32.46 14.78
C SER A 310 -17.17 -31.26 14.03
N LYS A 311 -16.72 -30.03 14.29
CA LYS A 311 -17.29 -28.83 13.70
C LYS A 311 -16.39 -28.22 12.63
N ASN A 312 -15.58 -29.03 11.95
CA ASN A 312 -14.67 -28.49 10.94
C ASN A 312 -15.41 -28.16 9.65
N ARG A 313 -15.92 -29.21 8.98
CA ARG A 313 -16.67 -29.13 7.72
C ARG A 313 -15.91 -28.40 6.62
N SER A 314 -14.65 -28.79 6.41
CA SER A 314 -13.81 -28.20 5.37
C SER A 314 -12.64 -29.12 5.03
N PRO A 315 -12.36 -29.36 3.75
CA PRO A 315 -11.27 -30.28 3.39
C PRO A 315 -9.88 -29.69 3.56
N ASN A 316 -9.73 -28.38 3.32
CA ASN A 316 -8.43 -27.75 3.20
C ASN A 316 -7.84 -27.29 4.55
N LYS A 317 -8.40 -27.72 5.68
CA LYS A 317 -7.88 -27.25 6.95
C LYS A 317 -7.93 -28.36 7.98
N GLU A 318 -7.07 -28.23 8.99
CA GLU A 318 -6.94 -29.23 10.03
C GLU A 318 -7.03 -28.56 11.39
N ILE A 319 -7.29 -29.37 12.41
CA ILE A 319 -7.25 -28.94 13.81
C ILE A 319 -6.19 -29.78 14.50
N TYR A 320 -5.16 -29.12 15.02
CA TYR A 320 -4.03 -29.76 15.68
C TYR A 320 -4.25 -29.63 17.18
N CYS A 321 -4.79 -30.66 17.81
CA CYS A 321 -5.20 -30.58 19.20
C CYS A 321 -4.07 -31.01 20.13
N HIS A 322 -4.14 -30.51 21.36
CA HIS A 322 -3.18 -30.83 22.41
C HIS A 322 -3.78 -30.44 23.75
N MET A 323 -3.36 -31.15 24.80
CA MET A 323 -3.85 -30.91 26.16
C MET A 323 -2.70 -30.42 27.03
N THR A 324 -2.96 -29.40 27.83
CA THR A 324 -1.93 -28.69 28.58
C THR A 324 -2.40 -28.50 30.02
N CYS A 325 -1.53 -28.79 30.98
CA CYS A 325 -1.86 -28.71 32.40
C CYS A 325 -1.25 -27.49 33.07
N ALA A 326 -1.00 -26.42 32.32
CA ALA A 326 -0.55 -25.09 32.78
C ALA A 326 0.81 -25.12 33.46
N THR A 327 1.57 -26.21 33.36
CA THR A 327 2.93 -26.26 33.84
C THR A 327 3.84 -27.06 32.91
N ASP A 328 3.39 -27.37 31.69
CA ASP A 328 4.17 -28.12 30.73
C ASP A 328 5.39 -27.33 30.27
N THR A 329 6.49 -28.05 30.05
CA THR A 329 7.79 -27.40 29.91
C THR A 329 7.96 -26.76 28.54
N ASN A 330 7.45 -27.39 27.49
CA ASN A 330 7.64 -26.86 26.13
C ASN A 330 6.35 -27.09 25.34
N ASN A 331 5.48 -26.10 25.36
CA ASN A 331 4.36 -26.01 24.42
C ASN A 331 4.71 -25.19 23.19
N ILE A 332 5.90 -24.58 23.16
CA ILE A 332 6.39 -23.91 21.96
C ILE A 332 6.73 -24.95 20.91
N GLN A 333 7.12 -26.15 21.34
CA GLN A 333 7.41 -27.26 20.43
C GLN A 333 6.15 -27.75 19.73
N VAL A 334 5.02 -27.75 20.44
CA VAL A 334 3.74 -28.17 19.85
C VAL A 334 3.33 -27.20 18.75
N VAL A 335 3.48 -25.90 19.02
CA VAL A 335 3.20 -24.85 18.03
C VAL A 335 4.16 -24.95 16.86
N PHE A 336 5.44 -25.24 17.13
CA PHE A 336 6.44 -25.35 16.07
C PHE A 336 6.14 -26.54 15.15
N ASP A 337 5.80 -27.69 15.72
CA ASP A 337 5.48 -28.87 14.92
C ASP A 337 4.20 -28.66 14.10
N ALA A 338 3.20 -28.02 14.71
CA ALA A 338 1.95 -27.76 14.00
C ALA A 338 2.13 -26.77 12.87
N VAL A 339 2.90 -25.70 13.10
CA VAL A 339 3.18 -24.71 12.05
C VAL A 339 4.03 -25.31 10.94
N THR A 340 4.93 -26.25 11.26
CA THR A 340 5.66 -26.99 10.23
C THR A 340 4.71 -27.81 9.35
N ASP A 341 3.76 -28.50 9.97
CA ASP A 341 2.77 -29.27 9.20
C ASP A 341 1.89 -28.38 8.35
N ILE A 342 1.53 -27.20 8.86
CA ILE A 342 0.71 -26.23 8.14
C ILE A 342 1.44 -25.70 6.90
N ILE A 343 2.73 -25.39 7.04
CA ILE A 343 3.48 -24.85 5.91
C ILE A 343 3.76 -25.93 4.87
N ILE A 344 3.99 -27.18 5.30
CA ILE A 344 4.12 -28.29 4.36
C ILE A 344 2.82 -28.51 3.57
N ALA A 345 1.68 -28.42 4.25
CA ALA A 345 0.40 -28.57 3.55
C ALA A 345 0.11 -27.41 2.62
N ASN A 346 0.51 -26.19 3.00
CA ASN A 346 0.31 -25.03 2.11
C ASN A 346 1.18 -25.12 0.87
N ASN A 347 2.43 -25.59 1.02
CA ASN A 347 3.31 -25.71 -0.11
C ASN A 347 2.91 -26.86 -1.03
N LEU A 348 2.41 -27.97 -0.47
CA LEU A 348 1.90 -29.03 -1.33
C LEU A 348 0.60 -28.64 -2.00
N ARG A 349 -0.23 -27.84 -1.34
CA ARG A 349 -1.46 -27.34 -1.96
C ARG A 349 -1.17 -26.29 -3.01
N GLY A 350 -0.02 -25.63 -2.94
CA GLY A 350 0.43 -24.74 -3.99
C GLY A 350 0.98 -25.41 -5.22
N CYS A 351 1.05 -26.74 -5.26
CA CYS A 351 1.52 -27.47 -6.42
C CYS A 351 0.43 -28.33 -7.05
N GLY A 352 -0.80 -28.28 -6.56
CA GLY A 352 -1.81 -29.22 -6.97
C GLY A 352 -1.69 -30.59 -6.36
N LEU A 353 -1.00 -30.71 -5.23
CA LEU A 353 -0.71 -32.00 -4.64
C LEU A 353 -1.46 -32.25 -3.34
N TYR A 354 -2.09 -31.24 -2.76
CA TYR A 354 -2.78 -31.42 -1.50
C TYR A 354 -4.23 -31.00 -1.68
N ARG B 17 -41.55 3.96 29.39
CA ARG B 17 -41.49 3.27 28.11
C ARG B 17 -42.70 3.64 27.24
N GLN B 18 -43.84 3.83 27.92
CA GLN B 18 -45.06 4.26 27.23
C GLN B 18 -44.88 5.64 26.63
N GLU B 19 -44.23 6.54 27.36
CA GLU B 19 -43.96 7.89 26.87
C GLU B 19 -42.99 7.87 25.69
N ALA B 20 -42.00 6.99 25.74
CA ALA B 20 -41.03 6.88 24.64
C ALA B 20 -41.67 6.29 23.39
N GLU B 21 -42.61 5.34 23.56
CA GLU B 21 -43.34 4.82 22.41
C GLU B 21 -44.30 5.84 21.82
N GLN B 22 -44.91 6.66 22.69
CA GLN B 22 -45.74 7.77 22.20
C GLN B 22 -44.91 8.79 21.44
N LEU B 23 -43.68 9.07 21.91
CA LEU B 23 -42.81 10.00 21.22
C LEU B 23 -42.34 9.44 19.89
N LYS B 24 -42.09 8.13 19.82
CA LYS B 24 -41.74 7.49 18.55
C LYS B 24 -42.89 7.58 17.55
N ASN B 25 -44.12 7.35 18.02
CA ASN B 25 -45.29 7.50 17.15
C ASN B 25 -45.49 8.94 16.72
N GLN B 26 -45.20 9.90 17.60
CA GLN B 26 -45.33 11.31 17.26
C GLN B 26 -44.33 11.74 16.20
N ILE B 27 -43.07 11.30 16.33
CA ILE B 27 -42.04 11.61 15.33
C ILE B 27 -42.39 10.96 13.99
N ARG B 28 -42.89 9.72 14.01
CA ARG B 28 -43.31 9.07 12.77
C ARG B 28 -44.50 9.77 12.13
N ASP B 29 -45.42 10.27 12.96
CA ASP B 29 -46.60 10.98 12.45
C ASP B 29 -46.20 12.31 11.81
N ALA B 30 -45.27 13.04 12.42
CA ALA B 30 -44.83 14.31 11.84
C ALA B 30 -44.01 14.10 10.57
N ARG B 31 -43.20 13.03 10.54
CA ARG B 31 -42.45 12.68 9.33
C ARG B 31 -43.40 12.35 8.18
N LYS B 32 -44.50 11.63 8.46
CA LYS B 32 -45.49 11.41 7.40
C LYS B 32 -46.28 12.67 7.09
N ALA B 33 -46.41 13.58 8.05
CA ALA B 33 -47.14 14.82 7.81
C ALA B 33 -46.37 15.80 6.93
N CYS B 34 -45.06 15.64 6.80
CA CYS B 34 -44.29 16.52 5.93
C CYS B 34 -43.93 15.90 4.58
N ALA B 35 -44.52 14.76 4.22
CA ALA B 35 -43.96 13.91 3.17
C ALA B 35 -44.91 13.59 2.02
N ASP B 36 -45.51 14.61 1.41
CA ASP B 36 -46.55 14.40 0.39
C ASP B 36 -46.00 13.73 -0.87
N ALA B 37 -44.86 14.20 -1.38
CA ALA B 37 -44.29 13.68 -2.62
C ALA B 37 -42.83 13.29 -2.37
N THR B 38 -42.26 12.54 -3.30
CA THR B 38 -40.90 12.04 -3.18
C THR B 38 -40.09 12.46 -4.40
N LEU B 39 -38.77 12.26 -4.33
CA LEU B 39 -37.84 12.68 -5.38
C LEU B 39 -38.11 12.06 -6.75
N SER B 40 -38.79 10.91 -6.81
CA SER B 40 -39.12 10.33 -8.11
C SER B 40 -40.25 11.08 -8.80
N GLN B 41 -41.04 11.88 -8.07
CA GLN B 41 -41.99 12.77 -8.73
C GLN B 41 -41.32 14.06 -9.20
N ILE B 42 -40.44 14.64 -8.38
CA ILE B 42 -39.84 15.92 -8.72
C ILE B 42 -38.78 15.75 -9.81
N THR B 43 -37.94 14.72 -9.70
CA THR B 43 -36.87 14.49 -10.67
C THR B 43 -37.28 13.49 -11.74
N ASN B 44 -38.52 13.54 -12.19
CA ASN B 44 -38.96 12.70 -13.29
C ASN B 44 -38.80 13.38 -14.64
N ASN B 45 -38.92 14.71 -14.67
CA ASN B 45 -38.84 15.48 -15.91
C ASN B 45 -37.39 15.68 -16.36
N ILE B 46 -36.43 15.51 -15.45
CA ILE B 46 -35.03 15.82 -15.73
C ILE B 46 -34.42 14.73 -16.60
N ASP B 47 -33.54 15.15 -17.53
CA ASP B 47 -32.87 14.26 -18.46
C ASP B 47 -31.70 13.57 -17.78
N PRO B 48 -31.41 12.30 -18.13
CA PRO B 48 -30.35 11.57 -17.43
C PRO B 48 -28.93 11.99 -17.79
N VAL B 49 -27.95 11.25 -17.30
CA VAL B 49 -26.54 11.51 -17.55
C VAL B 49 -25.93 10.51 -18.52
N GLY B 50 -26.68 9.50 -18.94
CA GLY B 50 -26.14 8.53 -19.86
C GLY B 50 -25.19 7.57 -19.16
N ARG B 51 -24.31 6.97 -19.95
CA ARG B 51 -23.23 6.19 -19.37
C ARG B 51 -22.06 7.10 -19.02
N ILE B 52 -21.49 6.86 -17.84
CA ILE B 52 -20.28 7.54 -17.41
C ILE B 52 -19.12 6.63 -17.78
N GLN B 53 -18.16 7.18 -18.51
CA GLN B 53 -17.01 6.42 -18.99
C GLN B 53 -15.77 6.99 -18.30
N MET B 54 -15.29 6.31 -17.28
CA MET B 54 -14.05 6.65 -16.61
C MET B 54 -13.04 5.54 -16.88
N ARG B 55 -11.76 5.90 -16.88
CA ARG B 55 -10.68 4.93 -17.03
C ARG B 55 -9.60 5.20 -15.99
N THR B 56 -8.82 4.16 -15.67
CA THR B 56 -7.71 4.33 -14.72
C THR B 56 -6.64 5.17 -15.37
N ARG B 57 -6.48 6.39 -14.88
CA ARG B 57 -5.41 7.25 -15.37
C ARG B 57 -4.08 6.90 -14.70
N ARG B 58 -4.13 6.54 -13.43
CA ARG B 58 -2.95 6.22 -12.65
C ARG B 58 -3.18 4.91 -11.93
N THR B 59 -2.09 4.31 -11.48
CA THR B 59 -2.15 3.18 -10.55
C THR B 59 -0.99 3.33 -9.59
N LEU B 60 -1.30 3.47 -8.31
CA LEU B 60 -0.32 3.73 -7.27
C LEU B 60 -0.02 2.41 -6.59
N ARG B 61 1.19 1.88 -6.82
CA ARG B 61 1.55 0.55 -6.36
C ARG B 61 2.81 0.61 -5.48
N GLY B 62 2.61 0.69 -4.17
CA GLY B 62 3.72 0.56 -3.26
C GLY B 62 3.41 -0.23 -2.01
N HIS B 63 2.13 -0.44 -1.72
CA HIS B 63 1.73 -1.15 -0.52
C HIS B 63 1.82 -2.66 -0.74
N LEU B 64 2.01 -3.39 0.36
CA LEU B 64 2.22 -4.82 0.29
C LEU B 64 1.15 -5.61 1.04
N ALA B 65 0.04 -4.98 1.41
CA ALA B 65 -1.03 -5.65 2.11
C ALA B 65 -2.33 -4.94 1.77
N LYS B 66 -3.38 -5.25 2.51
CA LYS B 66 -4.69 -4.66 2.28
C LYS B 66 -4.69 -3.19 2.61
N ILE B 67 -5.23 -2.37 1.71
CA ILE B 67 -5.41 -0.94 1.96
C ILE B 67 -6.77 -0.71 2.58
N TYR B 68 -6.79 -0.03 3.72
CA TYR B 68 -8.00 0.18 4.50
C TYR B 68 -8.57 1.58 4.39
N ALA B 69 -7.73 2.60 4.26
CA ALA B 69 -8.19 3.96 4.16
C ALA B 69 -7.33 4.73 3.17
N MET B 70 -7.92 5.79 2.62
CA MET B 70 -7.19 6.83 1.93
C MET B 70 -7.90 8.15 2.20
N HIS B 71 -7.19 9.24 1.97
CA HIS B 71 -7.79 10.57 2.10
C HIS B 71 -7.04 11.55 1.23
N TRP B 72 -7.77 12.33 0.43
CA TRP B 72 -7.19 13.35 -0.41
C TRP B 72 -6.79 14.58 0.38
N GLY B 73 -5.72 15.24 -0.06
CA GLY B 73 -5.43 16.57 0.39
C GLY B 73 -6.24 17.61 -0.37
N THR B 74 -6.38 18.78 0.24
CA THR B 74 -7.20 19.83 -0.33
C THR B 74 -6.55 20.56 -1.50
N ASP B 75 -5.29 20.26 -1.84
CA ASP B 75 -4.73 20.74 -3.10
C ASP B 75 -5.06 19.86 -4.29
N SER B 76 -5.77 18.74 -4.05
CA SER B 76 -6.26 17.79 -5.05
C SER B 76 -5.13 17.11 -5.81
N ARG B 77 -3.97 17.02 -5.20
CA ARG B 77 -2.81 16.37 -5.77
C ARG B 77 -2.18 15.34 -4.84
N LEU B 78 -2.12 15.62 -3.55
CA LEU B 78 -1.51 14.73 -2.57
C LEU B 78 -2.58 13.92 -1.85
N LEU B 79 -2.24 12.69 -1.48
CA LEU B 79 -3.19 11.84 -0.77
C LEU B 79 -2.44 10.83 0.09
N VAL B 80 -3.02 10.50 1.27
CA VAL B 80 -2.48 9.44 2.11
C VAL B 80 -3.20 8.16 1.73
N SER B 81 -2.54 7.04 1.98
CA SER B 81 -3.18 5.75 2.07
C SER B 81 -2.65 5.05 3.29
N ALA B 82 -3.45 4.15 3.85
CA ALA B 82 -3.05 3.32 4.97
C ALA B 82 -3.14 1.87 4.57
N SER B 83 -2.22 1.05 5.05
CA SER B 83 -2.36 -0.39 4.85
C SER B 83 -1.81 -1.12 6.06
N GLN B 84 -1.99 -2.44 6.03
CA GLN B 84 -1.66 -3.33 7.14
C GLN B 84 -0.22 -3.81 7.09
N ASP B 85 0.56 -3.36 6.12
CA ASP B 85 2.00 -3.56 6.19
C ASP B 85 2.68 -2.57 7.11
N GLY B 86 1.92 -1.67 7.75
CA GLY B 86 2.44 -0.79 8.76
C GLY B 86 2.96 0.54 8.24
N LYS B 87 2.44 1.00 7.11
CA LYS B 87 2.96 2.18 6.43
C LYS B 87 1.84 3.12 6.07
N LEU B 88 2.09 4.42 6.28
CA LEU B 88 1.36 5.49 5.62
C LEU B 88 2.24 6.04 4.50
N ILE B 89 1.69 6.11 3.29
CA ILE B 89 2.40 6.68 2.17
C ILE B 89 1.67 7.94 1.73
N ILE B 90 2.41 9.05 1.65
CA ILE B 90 1.94 10.25 0.97
C ILE B 90 2.29 10.12 -0.50
N TRP B 91 1.30 10.28 -1.37
CA TRP B 91 1.44 10.07 -2.80
C TRP B 91 1.36 11.39 -3.53
N ASP B 92 2.13 11.53 -4.59
CA ASP B 92 1.96 12.58 -5.58
C ASP B 92 1.19 11.96 -6.74
N SER B 93 -0.08 12.31 -6.90
CA SER B 93 -0.91 11.61 -7.86
C SER B 93 -0.68 12.03 -9.30
N TYR B 94 0.02 13.15 -9.54
CA TYR B 94 0.28 13.52 -10.93
C TYR B 94 1.49 12.79 -11.49
N THR B 95 2.55 12.65 -10.71
CA THR B 95 3.78 12.02 -11.16
C THR B 95 3.93 10.58 -10.72
N THR B 96 2.97 10.06 -9.93
CA THR B 96 3.03 8.77 -9.21
C THR B 96 4.21 8.67 -8.26
N ASN B 97 4.83 9.79 -7.89
CA ASN B 97 5.90 9.76 -6.91
C ASN B 97 5.31 9.59 -5.53
N LYS B 98 6.06 8.95 -4.66
CA LYS B 98 5.69 8.86 -3.27
C LYS B 98 6.56 9.83 -2.48
N VAL B 99 5.90 10.72 -1.75
CA VAL B 99 6.57 11.86 -1.12
C VAL B 99 7.11 11.45 0.25
N HIS B 100 6.34 10.68 1.01
CA HIS B 100 6.75 10.19 2.32
C HIS B 100 6.35 8.73 2.44
N ALA B 101 7.00 8.04 3.37
CA ALA B 101 6.57 6.72 3.83
C ALA B 101 6.70 6.73 5.35
N ILE B 102 5.58 6.69 6.04
CA ILE B 102 5.54 6.84 7.50
C ILE B 102 5.44 5.45 8.11
N PRO B 103 6.44 5.00 8.88
CA PRO B 103 6.32 3.69 9.55
C PRO B 103 5.43 3.79 10.77
N LEU B 104 4.47 2.88 10.86
CA LEU B 104 3.46 2.96 11.90
C LEU B 104 3.84 2.06 13.06
N ARG B 105 3.55 2.55 14.27
CA ARG B 105 3.93 1.82 15.47
C ARG B 105 3.03 0.63 15.71
N SER B 106 1.78 0.70 15.24
CA SER B 106 0.89 -0.45 15.20
C SER B 106 0.36 -0.58 13.78
N SER B 107 0.43 -1.77 13.22
CA SER B 107 0.07 -1.97 11.83
C SER B 107 -1.42 -2.25 11.61
N TRP B 108 -2.21 -2.28 12.68
CA TRP B 108 -3.61 -2.68 12.58
C TRP B 108 -4.50 -1.45 12.41
N VAL B 109 -4.20 -0.68 11.37
CA VAL B 109 -4.72 0.66 11.15
C VAL B 109 -5.92 0.62 10.22
N MET B 110 -7.02 1.26 10.66
CA MET B 110 -8.28 1.23 9.94
C MET B 110 -8.66 2.56 9.31
N THR B 111 -8.06 3.67 9.72
CA THR B 111 -8.45 4.98 9.21
C THR B 111 -7.21 5.85 9.05
N CYS B 112 -7.36 6.89 8.23
CA CYS B 112 -6.35 7.92 8.07
C CYS B 112 -7.02 9.18 7.55
N ALA B 113 -6.50 10.34 7.96
CA ALA B 113 -7.00 11.62 7.52
C ALA B 113 -5.83 12.54 7.18
N TYR B 114 -6.08 13.51 6.31
CA TYR B 114 -5.14 14.55 5.94
C TYR B 114 -5.68 15.86 6.50
N ALA B 115 -4.81 16.66 7.12
CA ALA B 115 -5.24 17.94 7.64
C ALA B 115 -5.47 18.92 6.49
N PRO B 116 -6.52 19.75 6.56
CA PRO B 116 -6.79 20.69 5.47
C PRO B 116 -5.74 21.79 5.32
N SER B 117 -4.91 22.01 6.33
CA SER B 117 -3.74 22.87 6.16
C SER B 117 -2.66 22.19 5.34
N GLY B 118 -2.56 20.87 5.43
CA GLY B 118 -1.50 20.13 4.79
C GLY B 118 -0.37 19.73 5.69
N ASN B 119 -0.41 20.13 6.96
CA ASN B 119 0.73 20.03 7.84
C ASN B 119 0.76 18.75 8.63
N TYR B 120 -0.36 18.04 8.71
CA TYR B 120 -0.52 16.88 9.57
C TYR B 120 -1.30 15.79 8.85
N VAL B 121 -1.05 14.56 9.26
CA VAL B 121 -1.89 13.42 8.95
C VAL B 121 -2.20 12.70 10.26
N ALA B 122 -3.32 12.00 10.30
CA ALA B 122 -3.70 11.17 11.42
C ALA B 122 -3.94 9.75 10.94
N CYS B 123 -3.94 8.81 11.87
CA CYS B 123 -4.30 7.42 11.59
C CYS B 123 -4.64 6.73 12.90
N GLY B 124 -5.29 5.57 12.79
CA GLY B 124 -5.58 4.77 13.97
C GLY B 124 -6.23 3.48 13.57
N GLY B 125 -6.52 2.67 14.59
CA GLY B 125 -7.08 1.35 14.36
C GLY B 125 -7.28 0.56 15.62
N LEU B 126 -6.81 -0.68 15.64
CA LEU B 126 -6.98 -1.58 16.78
C LEU B 126 -6.12 -1.23 17.99
N ASP B 127 -5.29 -0.19 17.92
CA ASP B 127 -4.54 0.27 19.08
C ASP B 127 -5.37 1.15 20.01
N ASN B 128 -6.57 1.56 19.59
CA ASN B 128 -7.50 2.49 20.23
C ASN B 128 -6.95 3.91 20.32
N ILE B 129 -5.96 4.24 19.51
CA ILE B 129 -5.21 5.48 19.59
C ILE B 129 -5.32 6.19 18.26
N CYS B 130 -5.44 7.51 18.29
CA CYS B 130 -5.27 8.33 17.10
C CYS B 130 -3.92 9.03 17.18
N SER B 131 -2.96 8.55 16.40
CA SER B 131 -1.65 9.16 16.32
C SER B 131 -1.66 10.24 15.25
N ILE B 132 -0.98 11.33 15.54
CA ILE B 132 -0.92 12.52 14.68
C ILE B 132 0.54 12.75 14.33
N TYR B 133 0.79 13.00 13.05
CA TYR B 133 2.12 13.04 12.48
C TYR B 133 2.37 14.41 11.90
N ASN B 134 3.46 15.05 12.29
CA ASN B 134 3.87 16.32 11.73
C ASN B 134 4.65 16.07 10.45
N LEU B 135 4.21 16.68 9.36
CA LEU B 135 4.85 16.51 8.07
C LEU B 135 5.82 17.63 7.74
N LYS B 136 5.93 18.63 8.61
CA LYS B 136 6.59 19.90 8.34
C LYS B 136 7.64 20.21 9.39
N THR B 137 8.51 19.25 9.66
CA THR B 137 9.49 19.36 10.73
C THR B 137 10.78 20.00 10.21
N ARG B 138 11.45 20.79 11.07
CA ARG B 138 12.76 21.36 10.74
C ARG B 138 13.81 20.29 10.51
N GLU B 139 13.67 19.13 11.13
CA GLU B 139 14.62 18.03 11.00
C GLU B 139 14.48 17.29 9.67
N GLY B 140 13.44 17.53 8.90
CA GLY B 140 13.33 16.92 7.59
C GLY B 140 12.77 15.52 7.58
N ASN B 141 12.16 15.09 8.67
CA ASN B 141 11.52 13.80 8.76
C ASN B 141 10.09 13.97 9.27
N VAL B 142 9.36 12.87 9.33
CA VAL B 142 7.99 12.87 9.85
C VAL B 142 8.01 12.13 11.18
N ARG B 143 7.59 12.82 12.24
CA ARG B 143 7.56 12.21 13.56
C ARG B 143 6.16 12.34 14.14
N VAL B 144 5.89 11.49 15.13
CA VAL B 144 4.61 11.50 15.84
C VAL B 144 4.53 12.77 16.68
N SER B 145 3.48 13.56 16.46
CA SER B 145 3.23 14.71 17.30
C SER B 145 2.49 14.30 18.58
N ARG B 146 1.30 13.75 18.41
CA ARG B 146 0.47 13.34 19.52
C ARG B 146 0.02 11.90 19.34
N GLU B 147 -0.45 11.33 20.43
CA GLU B 147 -1.18 10.08 20.46
C GLU B 147 -2.37 10.28 21.37
N LEU B 148 -3.57 10.11 20.84
CA LEU B 148 -4.81 10.45 21.53
C LEU B 148 -5.43 9.15 22.02
N ALA B 149 -5.30 8.91 23.33
CA ALA B 149 -5.82 7.70 23.95
C ALA B 149 -6.92 8.09 24.93
N GLY B 150 -8.17 7.90 24.53
CA GLY B 150 -9.27 7.88 25.48
C GLY B 150 -10.35 6.87 25.16
N HIS B 151 -10.29 6.28 23.96
CA HIS B 151 -11.29 5.34 23.50
C HIS B 151 -10.97 3.94 23.99
N THR B 152 -12.02 3.13 24.14
CA THR B 152 -11.88 1.75 24.58
C THR B 152 -12.30 0.76 23.50
N GLY B 153 -12.44 1.22 22.25
CA GLY B 153 -13.03 0.42 21.20
C GLY B 153 -12.04 -0.05 20.16
N TYR B 154 -11.98 0.68 19.05
CA TYR B 154 -10.96 0.70 18.01
C TYR B 154 -11.28 1.90 17.16
N LEU B 155 -10.26 2.57 16.65
CA LEU B 155 -10.51 3.80 15.93
C LEU B 155 -11.07 3.46 14.55
N SER B 156 -12.29 3.94 14.26
CA SER B 156 -12.97 3.67 13.01
C SER B 156 -12.75 4.76 11.97
N CYS B 157 -12.74 6.01 12.42
CA CYS B 157 -12.65 7.15 11.52
C CYS B 157 -12.10 8.31 12.33
N CYS B 158 -11.48 9.24 11.63
CA CYS B 158 -10.99 10.48 12.20
C CYS B 158 -10.98 11.51 11.09
N ARG B 159 -11.36 12.74 11.41
CA ARG B 159 -11.32 13.86 10.48
C ARG B 159 -10.89 15.11 11.21
N PHE B 160 -9.89 15.81 10.66
CA PHE B 160 -9.46 17.10 11.20
C PHE B 160 -10.52 18.17 10.98
N LEU B 161 -10.71 19.01 11.99
CA LEU B 161 -11.44 20.26 11.84
C LEU B 161 -10.49 21.38 11.45
N ASP B 162 -9.34 21.43 12.11
CA ASP B 162 -8.21 22.31 11.80
C ASP B 162 -6.96 21.66 12.40
N ASP B 163 -5.90 22.43 12.56
CA ASP B 163 -4.65 21.92 13.09
C ASP B 163 -4.69 21.56 14.57
N ASN B 164 -5.77 21.88 15.29
CA ASN B 164 -5.81 21.64 16.72
C ASN B 164 -7.02 20.84 17.18
N GLN B 165 -8.00 20.59 16.31
CA GLN B 165 -9.18 19.83 16.66
C GLN B 165 -9.39 18.70 15.67
N ILE B 166 -9.64 17.49 16.19
CA ILE B 166 -9.95 16.33 15.36
C ILE B 166 -11.10 15.57 16.02
N VAL B 167 -12.03 15.10 15.22
CA VAL B 167 -13.18 14.31 15.67
C VAL B 167 -12.94 12.87 15.27
N THR B 168 -13.04 11.95 16.23
CA THR B 168 -12.81 10.54 16.01
C THR B 168 -14.04 9.73 16.37
N SER B 169 -14.31 8.67 15.60
CA SER B 169 -15.31 7.68 15.96
C SER B 169 -14.62 6.42 16.40
N SER B 170 -15.32 5.61 17.19
CA SER B 170 -14.72 4.36 17.62
C SER B 170 -15.76 3.28 17.82
N GLY B 171 -15.26 2.05 17.93
CA GLY B 171 -16.08 0.88 18.17
C GLY B 171 -16.36 0.59 19.63
N ASP B 172 -16.32 1.61 20.48
CA ASP B 172 -16.92 1.55 21.80
C ASP B 172 -18.19 2.40 21.85
N THR B 173 -18.87 2.51 20.71
CA THR B 173 -20.19 3.15 20.53
C THR B 173 -20.17 4.64 20.85
N THR B 174 -19.05 5.33 20.63
CA THR B 174 -19.01 6.74 20.97
C THR B 174 -18.16 7.49 19.95
N CYS B 175 -18.29 8.81 19.95
CA CYS B 175 -17.48 9.71 19.18
C CYS B 175 -16.89 10.74 20.12
N ALA B 176 -15.88 11.46 19.67
CA ALA B 176 -15.16 12.34 20.58
C ALA B 176 -14.49 13.46 19.81
N LEU B 177 -14.40 14.63 20.44
CA LEU B 177 -13.66 15.77 19.95
C LEU B 177 -12.42 15.95 20.83
N TRP B 178 -11.32 16.33 20.21
CA TRP B 178 -10.02 16.32 20.87
C TRP B 178 -9.34 17.66 20.70
N ASP B 179 -8.69 18.12 21.76
CA ASP B 179 -7.70 19.19 21.66
C ASP B 179 -6.35 18.51 21.43
N ILE B 180 -5.73 18.79 20.29
CA ILE B 180 -4.48 18.11 19.95
C ILE B 180 -3.33 18.62 20.83
N GLU B 181 -3.35 19.89 21.21
CA GLU B 181 -2.25 20.47 21.99
C GLU B 181 -2.19 19.89 23.40
N THR B 182 -3.34 19.67 24.03
CA THR B 182 -3.35 19.04 25.34
C THR B 182 -3.49 17.52 25.28
N GLY B 183 -4.03 16.98 24.19
CA GLY B 183 -4.21 15.54 24.08
C GLY B 183 -5.39 15.02 24.85
N GLN B 184 -6.45 15.82 24.98
CA GLN B 184 -7.55 15.54 25.89
C GLN B 184 -8.87 15.68 25.16
N GLN B 185 -9.85 14.87 25.56
CA GLN B 185 -11.18 14.96 24.97
C GLN B 185 -11.89 16.21 25.46
N THR B 186 -12.31 17.06 24.53
CA THR B 186 -13.10 18.23 24.89
C THR B 186 -14.55 17.84 25.14
N THR B 187 -15.20 17.23 24.15
CA THR B 187 -16.54 16.71 24.30
C THR B 187 -16.63 15.29 23.77
N THR B 188 -17.59 14.55 24.28
CA THR B 188 -17.82 13.16 23.92
C THR B 188 -19.26 13.02 23.46
N PHE B 189 -19.46 12.28 22.39
CA PHE B 189 -20.73 12.19 21.68
C PHE B 189 -21.27 10.78 21.90
N THR B 190 -22.10 10.61 22.92
CA THR B 190 -22.70 9.33 23.26
C THR B 190 -24.17 9.30 22.85
N GLY B 191 -24.66 8.11 22.57
CA GLY B 191 -26.04 7.94 22.14
C GLY B 191 -26.29 6.82 21.16
N HIS B 192 -25.27 6.39 20.42
CA HIS B 192 -25.39 5.18 19.61
C HIS B 192 -25.39 3.95 20.52
N THR B 193 -25.95 2.86 19.99
CA THR B 193 -25.96 1.59 20.70
C THR B 193 -25.12 0.52 20.03
N GLY B 194 -24.52 0.82 18.88
CA GLY B 194 -23.60 -0.10 18.24
C GLY B 194 -22.31 0.62 17.89
N ASP B 195 -21.35 -0.15 17.37
CA ASP B 195 -20.02 0.36 17.03
C ASP B 195 -20.13 1.41 15.94
N VAL B 196 -19.59 2.60 16.19
CA VAL B 196 -19.67 3.68 15.20
C VAL B 196 -18.65 3.41 14.11
N MET B 197 -19.08 3.45 12.85
CA MET B 197 -18.27 2.99 11.73
C MET B 197 -17.70 4.10 10.86
N SER B 198 -18.36 5.25 10.77
CA SER B 198 -17.90 6.29 9.87
C SER B 198 -18.40 7.62 10.40
N LEU B 199 -17.79 8.70 9.92
CA LEU B 199 -18.28 10.03 10.20
C LEU B 199 -17.99 10.91 8.99
N SER B 200 -18.73 12.01 8.89
CA SER B 200 -18.54 12.97 7.82
C SER B 200 -18.86 14.35 8.36
N LEU B 201 -17.93 15.28 8.22
CA LEU B 201 -18.16 16.66 8.64
C LEU B 201 -18.97 17.43 7.61
N ALA B 202 -19.81 18.33 8.12
CA ALA B 202 -20.49 19.30 7.27
C ALA B 202 -19.47 20.26 6.66
N PRO B 203 -19.72 20.77 5.45
CA PRO B 203 -18.77 21.67 4.81
C PRO B 203 -18.58 23.03 5.48
N ASP B 204 -19.23 23.33 6.61
CA ASP B 204 -18.83 24.41 7.48
C ASP B 204 -18.30 23.94 8.83
N THR B 205 -18.21 22.62 9.05
CA THR B 205 -17.65 21.97 10.25
C THR B 205 -18.33 22.42 11.54
N ARG B 206 -19.62 22.71 11.49
CA ARG B 206 -20.40 22.96 12.69
C ARG B 206 -21.29 21.79 13.06
N LEU B 207 -21.36 20.78 12.19
CA LEU B 207 -22.16 19.57 12.41
C LEU B 207 -21.38 18.40 11.81
N PHE B 208 -21.66 17.19 12.31
CA PHE B 208 -21.21 15.99 11.65
C PHE B 208 -22.24 14.90 11.85
N VAL B 209 -22.27 13.96 10.92
CA VAL B 209 -23.18 12.83 10.98
C VAL B 209 -22.34 11.57 11.08
N SER B 210 -22.75 10.64 11.95
CA SER B 210 -22.06 9.39 12.16
C SER B 210 -23.04 8.25 11.98
N GLY B 211 -22.56 7.13 11.44
CA GLY B 211 -23.38 5.95 11.25
C GLY B 211 -22.76 4.77 11.97
N ALA B 212 -23.59 3.94 12.57
CA ALA B 212 -23.10 2.92 13.48
C ALA B 212 -23.69 1.56 13.15
N CYS B 213 -23.34 0.57 13.96
CA CYS B 213 -23.83 -0.80 13.83
C CYS B 213 -25.12 -1.00 14.63
N ASP B 214 -26.05 -0.08 14.45
CA ASP B 214 -27.41 -0.22 14.93
C ASP B 214 -28.39 0.29 13.89
N ALA B 215 -27.92 0.41 12.64
CA ALA B 215 -28.69 0.76 11.44
C ALA B 215 -29.23 2.18 11.48
N SER B 216 -28.65 3.06 12.29
CA SER B 216 -29.14 4.42 12.39
C SER B 216 -27.98 5.41 12.27
N ALA B 217 -28.29 6.59 11.73
CA ALA B 217 -27.36 7.69 11.60
C ALA B 217 -27.82 8.85 12.46
N LYS B 218 -26.86 9.61 12.99
CA LYS B 218 -27.16 10.65 13.97
C LYS B 218 -26.47 11.95 13.61
N LEU B 219 -27.20 13.05 13.65
CA LEU B 219 -26.66 14.39 13.45
C LEU B 219 -26.21 14.96 14.78
N TRP B 220 -24.97 15.42 14.85
CA TRP B 220 -24.35 15.86 16.09
C TRP B 220 -23.95 17.33 15.96
N ASP B 221 -24.22 18.10 17.00
CA ASP B 221 -23.75 19.47 17.10
C ASP B 221 -22.35 19.48 17.70
N VAL B 222 -21.41 20.10 17.00
CA VAL B 222 -20.00 19.97 17.35
C VAL B 222 -19.67 20.78 18.58
N ARG B 223 -20.14 22.03 18.64
CA ARG B 223 -19.82 22.91 19.76
C ARG B 223 -20.57 22.51 21.02
N GLU B 224 -21.86 22.20 20.91
CA GLU B 224 -22.65 21.86 22.08
C GLU B 224 -22.35 20.44 22.55
N GLY B 225 -22.63 19.45 21.71
CA GLY B 225 -22.24 18.10 22.05
C GLY B 225 -23.38 17.11 22.14
N MET B 226 -24.56 17.49 21.66
CA MET B 226 -25.74 16.65 21.79
C MET B 226 -26.34 16.38 20.42
N CYS B 227 -27.00 15.22 20.30
CA CYS B 227 -27.52 14.75 19.04
C CYS B 227 -28.75 15.56 18.64
N ARG B 228 -28.74 16.07 17.41
CA ARG B 228 -29.87 16.84 16.91
C ARG B 228 -30.96 15.93 16.36
N GLN B 229 -30.63 15.09 15.39
CA GLN B 229 -31.59 14.26 14.70
C GLN B 229 -31.06 12.83 14.58
N THR B 230 -31.96 11.87 14.44
CA THR B 230 -31.61 10.47 14.29
C THR B 230 -32.34 9.91 13.06
N PHE B 231 -31.62 9.11 12.27
CA PHE B 231 -32.09 8.69 10.95
C PHE B 231 -32.04 7.17 10.87
N THR B 232 -33.19 6.53 11.09
CA THR B 232 -33.32 5.08 10.98
C THR B 232 -33.87 4.76 9.60
N GLY B 233 -33.74 3.51 9.18
CA GLY B 233 -34.25 3.10 7.88
C GLY B 233 -33.47 2.02 7.16
N HIS B 234 -32.17 1.93 7.42
CA HIS B 234 -31.42 0.78 6.94
C HIS B 234 -31.76 -0.47 7.76
N GLU B 235 -31.35 -1.60 7.22
CA GLU B 235 -31.68 -2.91 7.78
C GLU B 235 -30.50 -3.62 8.40
N SER B 236 -29.29 -3.10 8.25
CA SER B 236 -28.08 -3.75 8.74
C SER B 236 -27.09 -2.66 9.12
N ASP B 237 -25.81 -3.04 9.22
CA ASP B 237 -24.79 -2.15 9.75
C ASP B 237 -24.44 -1.06 8.74
N ILE B 238 -24.52 0.19 9.16
CA ILE B 238 -24.07 1.31 8.34
C ILE B 238 -22.55 1.34 8.31
N ASN B 239 -21.96 1.26 7.13
CA ASN B 239 -20.52 1.19 6.97
C ASN B 239 -19.90 2.50 6.50
N ALA B 240 -20.64 3.29 5.73
CA ALA B 240 -20.13 4.51 5.11
C ALA B 240 -21.14 5.63 5.25
N ILE B 241 -20.63 6.85 5.29
CA ILE B 241 -21.48 8.03 5.33
C ILE B 241 -20.71 9.21 4.74
N CYS B 242 -21.40 9.99 3.92
CA CYS B 242 -20.81 11.14 3.26
C CYS B 242 -21.86 12.22 3.18
N PHE B 243 -21.42 13.48 3.16
CA PHE B 243 -22.31 14.62 3.25
C PHE B 243 -22.58 15.13 1.84
N PHE B 244 -23.73 15.75 1.66
CA PHE B 244 -24.05 16.38 0.38
C PHE B 244 -23.33 17.73 0.31
N PRO B 245 -22.84 18.16 -0.89
CA PRO B 245 -22.09 19.42 -0.99
C PRO B 245 -22.83 20.68 -0.58
N ASN B 246 -24.16 20.66 -0.65
CA ASN B 246 -24.96 21.77 -0.12
C ASN B 246 -24.90 21.79 1.40
N GLY B 247 -24.86 20.63 2.03
CA GLY B 247 -24.84 20.53 3.47
C GLY B 247 -26.18 20.23 4.12
N ASN B 248 -27.19 19.89 3.33
CA ASN B 248 -28.54 19.67 3.83
C ASN B 248 -29.05 18.28 3.54
N ALA B 249 -28.14 17.37 3.19
CA ALA B 249 -28.47 15.98 2.95
C ALA B 249 -27.21 15.16 3.20
N PHE B 250 -27.36 13.85 3.27
CA PHE B 250 -26.21 12.97 3.34
C PHE B 250 -26.61 11.60 2.81
N ALA B 251 -25.62 10.87 2.31
CA ALA B 251 -25.82 9.50 1.86
C ALA B 251 -25.15 8.53 2.80
N THR B 252 -25.57 7.27 2.72
CA THR B 252 -25.34 6.29 3.77
C THR B 252 -25.35 4.90 3.15
N GLY B 253 -24.20 4.24 3.12
CA GLY B 253 -24.10 2.88 2.64
C GLY B 253 -24.11 1.88 3.78
N SER B 254 -24.58 0.67 3.52
CA SER B 254 -24.71 -0.33 4.58
C SER B 254 -24.45 -1.72 4.02
N ASP B 255 -24.65 -2.72 4.88
CA ASP B 255 -24.45 -4.12 4.52
C ASP B 255 -25.64 -4.74 3.81
N ASP B 256 -26.78 -4.05 3.74
CA ASP B 256 -27.95 -4.58 3.05
C ASP B 256 -27.99 -4.19 1.56
N ALA B 257 -26.83 -3.88 0.97
CA ALA B 257 -26.63 -3.61 -0.46
C ALA B 257 -27.37 -2.36 -0.93
N THR B 258 -27.63 -1.42 -0.02
CA THR B 258 -28.44 -0.25 -0.34
C THR B 258 -27.75 0.99 0.17
N CYS B 259 -27.64 2.00 -0.67
CA CYS B 259 -27.34 3.36 -0.26
C CYS B 259 -28.65 4.11 -0.11
N ARG B 260 -28.74 4.95 0.91
CA ARG B 260 -29.93 5.75 1.13
C ARG B 260 -29.56 7.22 1.24
N LEU B 261 -30.42 8.08 0.72
CA LEU B 261 -30.24 9.52 0.82
C LEU B 261 -31.18 10.06 1.88
N PHE B 262 -30.62 10.79 2.84
CA PHE B 262 -31.37 11.36 3.93
C PHE B 262 -31.41 12.87 3.76
N ASP B 263 -31.95 13.55 4.75
CA ASP B 263 -32.33 14.95 4.55
C ASP B 263 -32.43 15.62 5.91
N LEU B 264 -31.75 16.75 6.05
CA LEU B 264 -31.65 17.37 7.37
C LEU B 264 -32.86 18.23 7.69
N ARG B 265 -33.29 19.07 6.74
CA ARG B 265 -34.38 19.99 7.02
C ARG B 265 -35.74 19.31 6.92
N ALA B 266 -35.85 18.25 6.13
CA ALA B 266 -37.07 17.48 6.04
C ALA B 266 -37.15 16.36 7.08
N ASP B 267 -36.01 15.95 7.64
CA ASP B 267 -35.88 14.88 8.64
C ASP B 267 -36.48 13.57 8.11
N GLN B 268 -35.89 13.08 7.03
CA GLN B 268 -36.62 12.17 6.15
C GLN B 268 -35.63 11.40 5.29
N GLU B 269 -35.98 10.17 4.96
CA GLU B 269 -35.25 9.38 3.97
C GLU B 269 -35.83 9.68 2.59
N LEU B 270 -34.96 9.98 1.63
CA LEU B 270 -35.39 10.47 0.33
C LEU B 270 -35.37 9.42 -0.78
N MET B 271 -34.33 8.61 -0.87
CA MET B 271 -34.19 7.70 -2.01
C MET B 271 -33.24 6.57 -1.63
N THR B 272 -33.55 5.36 -2.07
CA THR B 272 -32.64 4.23 -1.96
C THR B 272 -31.94 4.00 -3.29
N TYR B 273 -30.74 3.42 -3.21
CA TYR B 273 -29.89 3.17 -4.37
C TYR B 273 -29.53 1.68 -4.36
N SER B 274 -30.39 0.86 -4.97
CA SER B 274 -30.25 -0.58 -4.90
C SER B 274 -30.50 -1.19 -6.28
N HIS B 275 -30.27 -2.48 -6.36
CA HIS B 275 -30.38 -3.24 -7.61
C HIS B 275 -30.46 -4.71 -7.24
N ASP B 276 -31.05 -5.50 -8.14
CA ASP B 276 -31.25 -6.92 -7.84
C ASP B 276 -29.98 -7.73 -8.01
N ASN B 277 -29.04 -7.28 -8.83
CA ASN B 277 -27.76 -7.94 -9.04
C ASN B 277 -26.71 -7.52 -8.03
N ILE B 278 -27.10 -6.86 -6.95
CA ILE B 278 -26.20 -6.40 -5.90
C ILE B 278 -26.69 -7.01 -4.60
N ILE B 279 -25.84 -7.82 -3.96
CA ILE B 279 -26.19 -8.50 -2.72
C ILE B 279 -25.11 -8.29 -1.66
N CYS B 280 -23.99 -7.71 -2.07
CA CYS B 280 -22.85 -7.53 -1.18
C CYS B 280 -22.97 -6.23 -0.39
N GLY B 281 -21.98 -5.96 0.45
CA GLY B 281 -21.99 -4.76 1.25
C GLY B 281 -21.35 -3.57 0.55
N ILE B 282 -21.52 -2.40 1.16
CA ILE B 282 -21.04 -1.14 0.63
C ILE B 282 -20.00 -0.60 1.58
N THR B 283 -18.75 -0.55 1.14
CA THR B 283 -17.67 -0.19 2.03
C THR B 283 -17.50 1.33 2.16
N SER B 284 -17.80 2.08 1.11
CA SER B 284 -17.44 3.48 1.03
C SER B 284 -18.38 4.19 0.08
N VAL B 285 -18.77 5.43 0.41
CA VAL B 285 -19.61 6.26 -0.43
C VAL B 285 -18.99 7.64 -0.57
N SER B 286 -19.30 8.32 -1.67
CA SER B 286 -18.78 9.66 -1.93
C SER B 286 -19.65 10.34 -2.97
N PHE B 287 -19.75 11.66 -2.87
CA PHE B 287 -20.41 12.49 -3.85
C PHE B 287 -19.40 13.17 -4.77
N SER B 288 -19.90 13.64 -5.91
CA SER B 288 -19.09 14.38 -6.85
C SER B 288 -19.10 15.86 -6.47
N LYS B 289 -18.60 16.71 -7.37
CA LYS B 289 -18.39 18.13 -7.09
C LYS B 289 -19.69 18.89 -6.92
N SER B 290 -20.78 18.45 -7.55
CA SER B 290 -22.04 19.18 -7.53
C SER B 290 -23.20 18.43 -6.90
N GLY B 291 -23.05 17.16 -6.58
CA GLY B 291 -24.16 16.25 -6.53
C GLY B 291 -24.21 15.45 -7.82
N ARG B 292 -25.40 14.95 -8.13
CA ARG B 292 -25.76 14.24 -9.36
C ARG B 292 -25.07 12.90 -9.57
N LEU B 293 -24.09 12.57 -8.74
CA LEU B 293 -23.42 11.29 -8.80
C LEU B 293 -23.15 10.85 -7.38
N LEU B 294 -23.40 9.58 -7.13
CA LEU B 294 -23.07 8.93 -5.87
C LEU B 294 -22.17 7.77 -6.22
N LEU B 295 -20.91 7.84 -5.79
CA LEU B 295 -19.95 6.79 -6.08
C LEU B 295 -19.83 5.91 -4.84
N ALA B 296 -19.96 4.61 -5.03
CA ALA B 296 -20.01 3.68 -3.91
C ALA B 296 -19.16 2.45 -4.22
N GLY B 297 -18.23 2.13 -3.32
CA GLY B 297 -17.41 0.94 -3.46
C GLY B 297 -18.02 -0.24 -2.72
N TYR B 298 -17.94 -1.42 -3.32
CA TYR B 298 -18.67 -2.58 -2.85
C TYR B 298 -17.72 -3.74 -2.54
N ASP B 299 -18.28 -4.78 -1.91
CA ASP B 299 -17.52 -6.00 -1.61
C ASP B 299 -17.29 -6.87 -2.84
N ASP B 300 -18.06 -6.67 -3.92
CA ASP B 300 -17.96 -7.51 -5.10
C ASP B 300 -16.87 -7.05 -6.06
N PHE B 301 -15.91 -6.29 -5.56
CA PHE B 301 -14.63 -5.85 -6.11
C PHE B 301 -14.83 -4.63 -6.99
N ASN B 302 -16.05 -4.15 -7.17
CA ASN B 302 -16.36 -3.10 -8.13
C ASN B 302 -16.74 -1.81 -7.41
N CYS B 303 -16.99 -0.78 -8.21
CA CYS B 303 -17.49 0.50 -7.76
C CYS B 303 -18.59 0.90 -8.72
N ASN B 304 -19.71 1.38 -8.19
CA ASN B 304 -20.86 1.71 -9.00
C ASN B 304 -21.19 3.18 -8.86
N VAL B 305 -21.41 3.84 -9.98
CA VAL B 305 -21.77 5.26 -10.02
C VAL B 305 -23.29 5.34 -10.19
N TRP B 306 -23.92 6.07 -9.29
CA TRP B 306 -25.37 6.25 -9.29
C TRP B 306 -25.70 7.63 -9.81
N ASP B 307 -26.95 7.80 -10.23
CA ASP B 307 -27.51 9.12 -10.42
C ASP B 307 -28.20 9.49 -9.11
N ALA B 308 -27.77 10.60 -8.50
CA ALA B 308 -28.24 10.94 -7.17
C ALA B 308 -29.71 11.39 -7.16
N LEU B 309 -30.23 11.85 -8.28
CA LEU B 309 -31.59 12.36 -8.33
C LEU B 309 -32.58 11.39 -8.97
N LYS B 310 -32.11 10.39 -9.71
CA LYS B 310 -33.00 9.52 -10.45
C LYS B 310 -32.81 8.04 -10.14
N ALA B 311 -31.86 7.68 -9.28
CA ALA B 311 -31.59 6.31 -8.81
C ALA B 311 -31.23 5.35 -9.94
N ASP B 312 -30.68 5.87 -11.03
CA ASP B 312 -30.29 5.05 -12.17
C ASP B 312 -28.78 4.86 -12.13
N ARG B 313 -28.34 3.61 -12.26
CA ARG B 313 -26.91 3.31 -12.16
C ARG B 313 -26.23 3.75 -13.44
N ALA B 314 -25.36 4.75 -13.34
CA ALA B 314 -24.82 5.45 -14.49
C ALA B 314 -23.51 4.87 -15.01
N GLY B 315 -22.91 3.93 -14.30
CA GLY B 315 -21.65 3.36 -14.75
C GLY B 315 -21.01 2.55 -13.64
N VAL B 316 -20.01 1.78 -14.04
CA VAL B 316 -19.25 0.95 -13.12
C VAL B 316 -17.78 1.33 -13.23
N LEU B 317 -17.01 0.95 -12.23
CA LEU B 317 -15.55 1.07 -12.21
C LEU B 317 -15.00 -0.33 -11.93
N ALA B 318 -14.71 -1.06 -13.00
CA ALA B 318 -14.19 -2.43 -12.89
C ALA B 318 -12.68 -2.37 -12.93
N GLY B 319 -12.09 -2.28 -11.76
CA GLY B 319 -10.67 -2.15 -11.56
C GLY B 319 -10.07 -3.32 -10.83
N HIS B 320 -10.08 -3.16 -9.51
CA HIS B 320 -9.37 -3.96 -8.53
C HIS B 320 -9.81 -5.43 -8.55
N ASP B 321 -8.92 -6.28 -8.03
CA ASP B 321 -9.11 -7.73 -7.95
C ASP B 321 -9.48 -8.21 -6.54
N ASN B 322 -9.76 -7.29 -5.62
CA ASN B 322 -10.32 -7.63 -4.32
C ASN B 322 -11.21 -6.45 -3.96
N ARG B 323 -11.80 -6.46 -2.76
CA ARG B 323 -12.91 -5.55 -2.52
C ARG B 323 -12.44 -4.11 -2.33
N VAL B 324 -13.19 -3.18 -2.91
CA VAL B 324 -12.87 -1.77 -2.86
C VAL B 324 -13.20 -1.25 -1.47
N SER B 325 -12.17 -0.92 -0.70
CA SER B 325 -12.32 -0.64 0.72
C SER B 325 -12.47 0.84 1.04
N CYS B 326 -12.10 1.72 0.11
CA CYS B 326 -12.07 3.15 0.33
C CYS B 326 -12.16 3.86 -1.01
N LEU B 327 -12.76 5.04 -1.01
CA LEU B 327 -12.76 5.87 -2.20
C LEU B 327 -12.93 7.32 -1.80
N GLY B 328 -12.54 8.22 -2.71
CA GLY B 328 -12.64 9.65 -2.46
C GLY B 328 -12.54 10.50 -3.70
N VAL B 329 -13.35 11.55 -3.76
CA VAL B 329 -13.34 12.50 -4.87
C VAL B 329 -12.50 13.70 -4.45
N THR B 330 -11.73 14.26 -5.38
CA THR B 330 -10.86 15.39 -5.10
C THR B 330 -11.66 16.63 -4.72
N ASP B 331 -10.96 17.62 -4.18
CA ASP B 331 -11.61 18.79 -3.62
C ASP B 331 -12.13 19.73 -4.71
N ASP B 332 -11.56 19.65 -5.91
CA ASP B 332 -12.06 20.36 -7.07
C ASP B 332 -12.83 19.46 -8.03
N GLY B 333 -12.91 18.17 -7.72
CA GLY B 333 -13.73 17.26 -8.49
C GLY B 333 -13.10 16.71 -9.74
N MET B 334 -11.78 16.81 -9.90
CA MET B 334 -11.17 16.42 -11.16
C MET B 334 -10.98 14.92 -11.29
N ALA B 335 -10.92 14.17 -10.19
CA ALA B 335 -10.66 12.74 -10.26
C ALA B 335 -11.27 12.03 -9.07
N VAL B 336 -11.29 10.72 -9.15
CA VAL B 336 -11.74 9.82 -8.09
C VAL B 336 -10.62 8.83 -7.83
N ALA B 337 -10.23 8.68 -6.56
CA ALA B 337 -9.29 7.66 -6.15
C ALA B 337 -10.04 6.56 -5.45
N THR B 338 -9.74 5.31 -5.81
CA THR B 338 -10.26 4.14 -5.11
C THR B 338 -9.09 3.27 -4.69
N GLY B 339 -9.10 2.80 -3.45
CA GLY B 339 -8.19 1.80 -2.97
C GLY B 339 -8.94 0.52 -2.64
N SER B 340 -8.19 -0.55 -2.49
CA SER B 340 -8.84 -1.85 -2.29
C SER B 340 -7.91 -2.79 -1.54
N TRP B 341 -8.42 -3.99 -1.29
CA TRP B 341 -7.71 -5.05 -0.58
C TRP B 341 -6.70 -5.80 -1.44
N ASP B 342 -6.59 -5.49 -2.73
CA ASP B 342 -5.55 -6.07 -3.58
C ASP B 342 -4.29 -5.22 -3.64
N SER B 343 -4.15 -4.26 -2.72
CA SER B 343 -2.95 -3.43 -2.43
C SER B 343 -2.67 -2.34 -3.44
N PHE B 344 -3.67 -1.87 -4.18
CA PHE B 344 -3.47 -0.88 -5.23
C PHE B 344 -4.41 0.29 -5.05
N LEU B 345 -3.94 1.50 -5.38
CA LEU B 345 -4.80 2.67 -5.54
C LEU B 345 -4.92 2.96 -7.03
N LYS B 346 -6.10 3.37 -7.47
CA LYS B 346 -6.33 3.73 -8.85
C LYS B 346 -6.99 5.10 -8.92
N ILE B 347 -6.47 5.97 -9.76
CA ILE B 347 -7.07 7.27 -10.04
C ILE B 347 -7.92 7.13 -11.30
N TRP B 348 -9.15 7.60 -11.24
CA TRP B 348 -10.14 7.42 -12.30
C TRP B 348 -10.61 8.79 -12.75
N ASN B 349 -10.82 8.94 -14.05
CA ASN B 349 -11.22 10.24 -14.58
C ASN B 349 -11.97 10.06 -15.89
N SER C 8 -32.97 0.87 35.34
CA SER C 8 -32.40 2.03 34.65
C SER C 8 -33.46 3.11 34.46
N ILE C 9 -33.83 3.76 35.56
CA ILE C 9 -34.79 4.85 35.50
C ILE C 9 -34.13 6.11 34.95
N ALA C 10 -32.87 6.37 35.32
CA ALA C 10 -32.17 7.54 34.80
C ALA C 10 -31.78 7.37 33.33
N GLN C 11 -31.45 6.15 32.93
CA GLN C 11 -31.07 5.90 31.54
C GLN C 11 -32.28 6.02 30.61
N ALA C 12 -33.39 5.39 30.99
CA ALA C 12 -34.62 5.53 30.21
C ALA C 12 -35.17 6.95 30.27
N ARG C 13 -34.97 7.65 31.39
CA ARG C 13 -35.36 9.06 31.48
C ARG C 13 -34.54 9.92 30.52
N LYS C 14 -33.25 9.63 30.39
CA LYS C 14 -32.41 10.37 29.44
C LYS C 14 -32.79 10.04 28.00
N LEU C 15 -33.23 8.80 27.73
CA LEU C 15 -33.80 8.46 26.43
C LEU C 15 -35.07 9.27 26.15
N VAL C 16 -35.93 9.43 27.16
CA VAL C 16 -37.16 10.20 27.01
C VAL C 16 -36.86 11.69 26.75
N GLU C 17 -35.90 12.25 27.48
CA GLU C 17 -35.51 13.64 27.27
C GLU C 17 -34.86 13.85 25.91
N GLN C 18 -34.09 12.85 25.43
CA GLN C 18 -33.53 12.90 24.09
C GLN C 18 -34.62 12.90 23.03
N LEU C 19 -35.61 12.01 23.17
CA LEU C 19 -36.71 11.98 22.21
C LEU C 19 -37.59 13.23 22.28
N LYS C 20 -37.67 13.87 23.44
CA LYS C 20 -38.39 15.13 23.52
C LYS C 20 -37.64 16.26 22.84
N MET C 21 -36.31 16.23 22.89
CA MET C 21 -35.54 17.18 22.07
C MET C 21 -35.62 16.82 20.59
N GLU C 22 -35.84 15.54 20.27
CA GLU C 22 -36.01 15.11 18.88
C GLU C 22 -37.32 15.63 18.29
N ALA C 23 -38.42 15.48 19.02
CA ALA C 23 -39.75 15.70 18.45
C ALA C 23 -40.04 17.18 18.22
N ASN C 24 -39.51 18.07 19.06
CA ASN C 24 -39.76 19.50 18.92
C ASN C 24 -38.73 20.12 17.97
N ILE C 25 -38.83 19.72 16.70
CA ILE C 25 -38.02 20.27 15.61
C ILE C 25 -38.94 20.56 14.43
N ASP C 26 -38.84 21.77 13.89
CA ASP C 26 -39.65 22.17 12.75
C ASP C 26 -39.12 21.53 11.47
N ARG C 27 -40.01 20.88 10.73
CA ARG C 27 -39.67 20.17 9.50
C ARG C 27 -40.34 20.85 8.31
N ILE C 28 -39.70 20.76 7.15
CA ILE C 28 -40.22 21.37 5.93
C ILE C 28 -40.72 20.29 4.99
N LYS C 29 -41.34 20.72 3.90
CA LYS C 29 -41.96 19.83 2.95
C LYS C 29 -40.91 19.08 2.14
N VAL C 30 -41.16 17.79 1.88
CA VAL C 30 -40.17 16.94 1.22
C VAL C 30 -40.00 17.32 -0.25
N SER C 31 -41.08 17.78 -0.89
CA SER C 31 -40.99 18.27 -2.27
C SER C 31 -40.16 19.55 -2.35
N LYS C 32 -40.23 20.41 -1.32
CA LYS C 32 -39.39 21.60 -1.26
C LYS C 32 -37.91 21.25 -1.19
N ALA C 33 -37.57 20.28 -0.34
CA ALA C 33 -36.16 19.90 -0.18
C ALA C 33 -35.65 19.12 -1.39
N ALA C 34 -36.52 18.37 -2.06
CA ALA C 34 -36.18 17.77 -3.33
C ALA C 34 -35.89 18.84 -4.38
N ALA C 35 -36.71 19.89 -4.41
CA ALA C 35 -36.47 21.02 -5.31
C ALA C 35 -35.17 21.75 -4.99
N ASP C 36 -34.83 21.84 -3.70
CA ASP C 36 -33.57 22.48 -3.32
C ASP C 36 -32.35 21.66 -3.74
N LEU C 37 -32.43 20.32 -3.62
CA LEU C 37 -31.34 19.48 -4.08
C LEU C 37 -31.18 19.53 -5.59
N MET C 38 -32.31 19.52 -6.32
CA MET C 38 -32.25 19.60 -7.77
C MET C 38 -31.78 20.98 -8.24
N ALA C 39 -32.12 22.04 -7.49
CA ALA C 39 -31.67 23.39 -7.84
C ALA C 39 -30.18 23.57 -7.57
N TYR C 40 -29.66 22.95 -6.50
CA TYR C 40 -28.21 22.97 -6.27
C TYR C 40 -27.48 22.19 -7.37
N CYS C 41 -28.01 21.02 -7.74
CA CYS C 41 -27.34 20.22 -8.75
C CYS C 41 -27.44 20.81 -10.15
N GLU C 42 -28.41 21.68 -10.40
CA GLU C 42 -28.49 22.40 -11.67
C GLU C 42 -27.64 23.67 -11.69
N ALA C 43 -27.54 24.38 -10.57
CA ALA C 43 -26.74 25.61 -10.54
C ALA C 43 -25.25 25.35 -10.50
N HIS C 44 -24.80 24.09 -10.35
CA HIS C 44 -23.39 23.76 -10.24
C HIS C 44 -22.98 22.67 -11.23
N ALA C 45 -23.77 22.43 -12.27
CA ALA C 45 -23.59 21.25 -13.11
C ALA C 45 -22.36 21.36 -14.01
N LYS C 46 -22.12 22.53 -14.58
CA LYS C 46 -21.00 22.72 -15.49
C LYS C 46 -19.67 22.93 -14.78
N GLU C 47 -19.66 22.95 -13.45
CA GLU C 47 -18.46 22.93 -12.65
C GLU C 47 -18.08 21.54 -12.18
N ASP C 48 -18.76 20.51 -12.68
CA ASP C 48 -18.51 19.14 -12.25
C ASP C 48 -17.89 18.36 -13.40
N PRO C 49 -16.59 18.08 -13.39
CA PRO C 49 -15.97 17.36 -14.50
C PRO C 49 -16.10 15.83 -14.46
N LEU C 50 -16.98 15.25 -13.65
CA LEU C 50 -17.32 13.85 -13.85
C LEU C 50 -18.62 13.66 -14.62
N LEU C 51 -19.47 14.68 -14.68
CA LEU C 51 -20.67 14.62 -15.52
C LEU C 51 -20.31 14.60 -16.99
N THR C 52 -19.68 15.68 -17.46
CA THR C 52 -19.15 15.74 -18.82
C THR C 52 -17.65 15.88 -18.71
N PRO C 53 -16.87 14.89 -19.14
CA PRO C 53 -15.41 14.96 -19.03
C PRO C 53 -14.82 16.05 -19.92
N VAL C 54 -13.83 16.75 -19.36
CA VAL C 54 -13.11 17.84 -20.01
C VAL C 54 -12.24 17.29 -21.13
N PRO C 55 -11.85 18.09 -22.13
CA PRO C 55 -10.87 17.63 -23.11
C PRO C 55 -9.50 17.46 -22.47
N ALA C 56 -8.62 16.77 -23.21
CA ALA C 56 -7.36 16.27 -22.66
C ALA C 56 -6.33 17.34 -22.32
N SER C 57 -6.62 18.61 -22.57
CA SER C 57 -5.70 19.68 -22.18
C SER C 57 -6.06 20.32 -20.85
N GLU C 58 -7.31 20.21 -20.41
CA GLU C 58 -7.72 20.66 -19.09
C GLU C 58 -7.79 19.52 -18.08
N ASN C 59 -7.28 18.37 -18.44
CA ASN C 59 -7.18 17.21 -17.57
C ASN C 59 -5.75 17.09 -17.09
N PRO C 60 -5.48 17.09 -15.78
CA PRO C 60 -4.12 16.86 -15.29
C PRO C 60 -3.72 15.39 -15.15
N PHE C 61 -4.48 14.45 -15.71
CA PHE C 61 -4.22 13.02 -15.50
C PHE C 61 -4.09 12.29 -16.83
N ARG C 62 -3.34 12.86 -17.77
CA ARG C 62 -2.96 12.13 -18.96
C ARG C 62 -1.47 12.29 -19.25
N ALA D 210 -1.31 -31.17 -46.49
CA ALA D 210 -0.01 -31.32 -47.12
C ALA D 210 1.06 -30.57 -46.35
N THR D 211 2.00 -29.97 -47.09
CA THR D 211 3.01 -29.12 -46.46
C THR D 211 2.40 -27.82 -45.97
N ALA D 212 1.30 -27.38 -46.60
CA ALA D 212 0.55 -26.25 -46.08
C ALA D 212 -0.10 -26.57 -44.74
N ALA D 213 -0.54 -27.82 -44.56
CA ALA D 213 -1.12 -28.21 -43.27
C ALA D 213 -0.07 -28.25 -42.18
N ILE D 214 1.13 -28.71 -42.51
CA ILE D 214 2.23 -28.72 -41.56
C ILE D 214 2.66 -27.30 -41.22
N ALA D 215 2.67 -26.41 -42.22
CA ALA D 215 3.03 -25.01 -41.97
C ALA D 215 1.98 -24.31 -41.11
N ALA D 216 0.70 -24.62 -41.32
CA ALA D 216 -0.35 -24.08 -40.47
C ALA D 216 -0.29 -24.64 -39.05
N ALA D 217 0.11 -25.91 -38.91
CA ALA D 217 0.30 -26.50 -37.59
C ALA D 217 1.43 -25.82 -36.83
N ILE D 218 2.54 -25.56 -37.50
CA ILE D 218 3.68 -24.94 -36.84
C ILE D 218 3.42 -23.46 -36.55
N THR D 219 2.65 -22.79 -37.41
CA THR D 219 2.23 -21.41 -37.12
C THR D 219 1.32 -21.36 -35.90
N PHE D 220 0.36 -22.29 -35.82
CA PHE D 220 -0.50 -22.42 -34.64
C PHE D 220 0.32 -22.73 -33.39
N LEU D 221 1.38 -23.53 -33.53
CA LEU D 221 2.24 -23.87 -32.41
C LEU D 221 3.01 -22.66 -31.89
N ILE D 222 3.55 -21.86 -32.80
CA ILE D 222 4.28 -20.64 -32.41
C ILE D 222 3.34 -19.64 -31.75
N LEU D 223 2.13 -19.48 -32.30
CA LEU D 223 1.19 -18.51 -31.71
C LEU D 223 0.67 -18.99 -30.35
N PHE D 224 0.45 -20.29 -30.19
CA PHE D 224 -0.01 -20.82 -28.91
C PHE D 224 1.10 -20.76 -27.86
N THR D 225 2.36 -20.94 -28.28
CA THR D 225 3.49 -20.75 -27.37
C THR D 225 3.58 -19.30 -26.89
N ILE D 226 3.47 -18.34 -27.81
CA ILE D 226 3.52 -16.93 -27.46
C ILE D 226 2.37 -16.55 -26.53
N PHE D 227 1.17 -17.09 -26.80
CA PHE D 227 0.00 -16.76 -25.99
C PHE D 227 0.10 -17.35 -24.59
N GLY D 228 0.47 -18.62 -24.46
CA GLY D 228 0.55 -19.25 -23.15
C GLY D 228 1.65 -18.66 -22.28
N ASN D 229 2.83 -18.44 -22.86
CA ASN D 229 3.92 -17.90 -22.07
C ASN D 229 3.74 -16.42 -21.76
N ALA D 230 3.13 -15.64 -22.67
CA ALA D 230 2.83 -14.25 -22.37
C ALA D 230 1.73 -14.13 -21.33
N LEU D 231 0.80 -15.09 -21.30
CA LEU D 231 -0.23 -15.08 -20.27
C LEU D 231 0.35 -15.40 -18.90
N VAL D 232 1.33 -16.32 -18.84
CA VAL D 232 2.02 -16.59 -17.58
C VAL D 232 2.79 -15.36 -17.09
N ILE D 233 3.52 -14.70 -17.99
CA ILE D 233 4.28 -13.49 -17.63
C ILE D 233 3.35 -12.38 -17.16
N LEU D 234 2.22 -12.18 -17.84
CA LEU D 234 1.26 -11.14 -17.49
C LEU D 234 0.60 -11.41 -16.14
N ALA D 235 0.25 -12.67 -15.87
CA ALA D 235 -0.38 -13.01 -14.60
C ALA D 235 0.59 -12.88 -13.43
N VAL D 236 1.86 -13.24 -13.61
CA VAL D 236 2.80 -13.13 -12.50
C VAL D 236 3.16 -11.67 -12.23
N LEU D 237 3.38 -10.88 -13.30
CA LEU D 237 3.77 -9.50 -13.08
C LEU D 237 2.61 -8.62 -12.63
N THR D 238 1.38 -8.88 -13.06
CA THR D 238 0.23 -8.10 -12.61
C THR D 238 -0.72 -8.99 -11.83
N SER D 239 -0.41 -9.22 -10.55
CA SER D 239 -1.27 -9.85 -9.55
C SER D 239 -0.62 -9.78 -8.17
N ARG D 240 -1.41 -9.54 -7.12
CA ARG D 240 -0.87 -9.58 -5.76
C ARG D 240 -0.61 -11.02 -5.31
N SER D 241 -1.53 -11.93 -5.62
CA SER D 241 -1.46 -13.29 -5.10
C SER D 241 -0.33 -14.10 -5.71
N LEU D 242 0.19 -13.69 -6.86
CA LEU D 242 1.27 -14.37 -7.54
C LEU D 242 2.62 -13.68 -7.36
N ARG D 243 2.76 -12.84 -6.33
CA ARG D 243 4.02 -12.17 -6.02
C ARG D 243 4.92 -13.00 -5.12
N ALA D 244 4.68 -14.30 -5.01
CA ALA D 244 5.62 -15.17 -4.34
C ALA D 244 6.92 -15.20 -5.15
N PRO D 245 8.08 -15.26 -4.49
CA PRO D 245 9.35 -15.15 -5.23
C PRO D 245 9.70 -16.36 -6.08
N GLN D 246 8.90 -17.42 -6.08
CA GLN D 246 9.22 -18.64 -6.80
C GLN D 246 8.62 -18.65 -8.19
N ASN D 247 7.73 -17.72 -8.49
CA ASN D 247 7.13 -17.61 -9.81
C ASN D 247 8.01 -16.84 -10.77
N LEU D 248 9.13 -16.29 -10.28
CA LEU D 248 10.16 -15.76 -11.16
C LEU D 248 10.82 -16.87 -11.98
N PHE D 249 10.86 -18.09 -11.46
CA PHE D 249 11.25 -19.23 -12.29
C PHE D 249 10.30 -19.42 -13.45
N LEU D 250 9.01 -19.21 -13.22
CA LEU D 250 8.03 -19.36 -14.30
C LEU D 250 8.12 -18.21 -15.29
N VAL D 251 8.49 -17.02 -14.82
CA VAL D 251 8.70 -15.90 -15.75
C VAL D 251 9.92 -16.14 -16.63
N SER D 252 11.01 -16.63 -16.05
CA SER D 252 12.19 -16.92 -16.86
C SER D 252 11.99 -18.13 -17.76
N LEU D 253 11.20 -19.12 -17.33
CA LEU D 253 10.87 -20.25 -18.19
C LEU D 253 9.96 -19.82 -19.34
N ALA D 254 9.05 -18.88 -19.09
CA ALA D 254 8.20 -18.36 -20.15
C ALA D 254 8.99 -17.51 -21.14
N ALA D 255 9.97 -16.75 -20.65
CA ALA D 255 10.86 -16.00 -21.53
C ALA D 255 11.71 -16.93 -22.38
N ALA D 256 12.19 -18.03 -21.78
CA ALA D 256 12.95 -19.03 -22.53
C ALA D 256 12.08 -19.71 -23.58
N ASP D 257 10.80 -19.93 -23.28
CA ASP D 257 9.92 -20.58 -24.25
C ASP D 257 9.55 -19.64 -25.40
N ILE D 258 9.30 -18.36 -25.10
CA ILE D 258 9.08 -17.35 -26.13
C ILE D 258 10.29 -17.21 -27.04
N LEU D 259 11.49 -17.27 -26.46
CA LEU D 259 12.68 -17.18 -27.29
C LEU D 259 13.01 -18.47 -28.03
N VAL D 260 12.56 -19.64 -27.53
CA VAL D 260 12.57 -20.84 -28.36
C VAL D 260 11.73 -20.62 -29.61
N ALA D 261 10.46 -20.24 -29.40
CA ALA D 261 9.50 -20.11 -30.50
C ALA D 261 9.92 -19.06 -31.52
N THR D 262 9.90 -17.79 -31.11
CA THR D 262 9.95 -16.64 -32.03
C THR D 262 11.27 -16.52 -32.77
N LEU D 263 12.34 -17.14 -32.28
CA LEU D 263 13.58 -17.20 -33.03
C LEU D 263 13.77 -18.53 -33.74
N ILE D 264 13.76 -19.64 -33.01
CA ILE D 264 14.30 -20.87 -33.56
C ILE D 264 13.30 -21.56 -34.48
N ILE D 265 12.01 -21.59 -34.12
CA ILE D 265 11.06 -22.41 -34.86
C ILE D 265 10.76 -21.88 -36.29
N PRO D 266 10.76 -20.57 -36.58
CA PRO D 266 10.75 -20.17 -38.01
C PRO D 266 11.93 -20.64 -38.83
N PHE D 267 13.15 -20.61 -38.28
CA PHE D 267 14.31 -21.07 -39.06
C PHE D 267 14.27 -22.58 -39.26
N SER D 268 13.82 -23.33 -38.26
CA SER D 268 13.65 -24.77 -38.41
C SER D 268 12.55 -25.08 -39.40
N LEU D 269 11.48 -24.28 -39.42
CA LEU D 269 10.39 -24.51 -40.35
C LEU D 269 10.82 -24.22 -41.78
N ALA D 270 11.67 -23.21 -41.96
CA ALA D 270 12.24 -22.92 -43.27
C ALA D 270 13.24 -23.98 -43.71
N ASN D 271 13.97 -24.59 -42.76
CA ASN D 271 14.93 -25.63 -43.09
C ASN D 271 14.28 -27.01 -43.19
N GLU D 272 13.02 -27.15 -42.80
CA GLU D 272 12.25 -28.37 -43.06
C GLU D 272 11.40 -28.28 -44.31
N LEU D 273 10.80 -27.12 -44.57
CA LEU D 273 10.00 -26.90 -45.77
C LEU D 273 10.94 -26.44 -46.88
N LEU D 274 11.15 -27.29 -47.88
CA LEU D 274 12.17 -27.14 -48.92
C LEU D 274 13.54 -26.97 -48.27
N GLY D 275 14.00 -28.08 -47.68
CA GLY D 275 15.16 -28.09 -46.81
C GLY D 275 16.52 -27.84 -47.44
N TYR D 276 17.02 -26.64 -47.21
CA TYR D 276 18.40 -26.25 -47.47
C TYR D 276 18.67 -25.01 -46.62
N TRP D 277 19.81 -24.39 -46.85
CA TRP D 277 20.17 -23.23 -46.04
C TRP D 277 20.51 -22.02 -46.92
N CYS D 284 24.06 -19.82 -39.30
CA CYS D 284 23.89 -21.26 -39.12
C CYS D 284 24.43 -21.73 -37.78
N GLU D 285 25.72 -21.47 -37.55
CA GLU D 285 26.37 -21.90 -36.32
C GLU D 285 25.81 -21.13 -35.12
N VAL D 286 25.54 -19.84 -35.30
CA VAL D 286 24.86 -19.04 -34.30
C VAL D 286 23.46 -19.58 -34.03
N TYR D 287 22.77 -20.01 -35.09
CA TYR D 287 21.43 -20.57 -34.93
C TYR D 287 21.44 -21.87 -34.13
N LEU D 288 22.38 -22.77 -34.44
CA LEU D 288 22.45 -24.04 -33.73
C LEU D 288 22.81 -23.85 -32.27
N ALA D 289 23.74 -22.93 -31.99
CA ALA D 289 24.12 -22.62 -30.61
C ALA D 289 22.95 -22.02 -29.83
N LEU D 290 22.18 -21.13 -30.47
CA LEU D 290 21.06 -20.52 -29.77
C LEU D 290 19.91 -21.51 -29.55
N ASP D 291 19.76 -22.47 -30.47
CA ASP D 291 18.77 -23.54 -30.31
C ASP D 291 19.10 -24.40 -29.09
N VAL D 292 20.35 -24.86 -29.01
CA VAL D 292 20.83 -25.65 -27.86
C VAL D 292 20.73 -24.86 -26.57
N LEU D 293 21.07 -23.55 -26.64
CA LEU D 293 21.02 -22.67 -25.48
C LEU D 293 19.62 -22.58 -24.89
N PHE D 294 18.62 -22.26 -25.73
CA PHE D 294 17.29 -22.03 -25.16
C PHE D 294 16.61 -23.32 -24.75
N CYS D 295 16.83 -24.43 -25.46
CA CYS D 295 16.21 -25.68 -25.04
C CYS D 295 16.85 -26.24 -23.76
N THR D 296 18.19 -26.16 -23.65
CA THR D 296 18.87 -26.60 -22.43
C THR D 296 18.48 -25.72 -21.24
N SER D 297 18.31 -24.41 -21.47
CA SER D 297 17.87 -23.52 -20.40
C SER D 297 16.47 -23.86 -19.93
N SER D 298 15.58 -24.24 -20.84
CA SER D 298 14.22 -24.62 -20.45
C SER D 298 14.23 -25.88 -19.58
N ILE D 299 15.04 -26.88 -19.95
CA ILE D 299 15.13 -28.12 -19.18
C ILE D 299 15.70 -27.86 -17.79
N VAL D 300 16.76 -27.06 -17.69
CA VAL D 300 17.34 -26.88 -16.36
C VAL D 300 16.53 -25.89 -15.51
N HIS D 301 15.68 -25.05 -16.13
CA HIS D 301 14.66 -24.35 -15.34
C HIS D 301 13.67 -25.31 -14.72
N LEU D 302 13.29 -26.35 -15.45
CA LEU D 302 12.41 -27.37 -14.86
C LEU D 302 13.07 -28.07 -13.68
N CYS D 303 14.37 -28.33 -13.79
CA CYS D 303 15.12 -28.93 -12.67
C CYS D 303 15.20 -27.99 -11.47
N ALA D 304 15.38 -26.69 -11.70
CA ALA D 304 15.46 -25.75 -10.57
C ALA D 304 14.11 -25.55 -9.88
N ILE D 305 13.02 -25.53 -10.66
CA ILE D 305 11.66 -25.53 -10.10
C ILE D 305 11.44 -26.75 -9.21
N SER D 306 11.91 -27.91 -9.68
CA SER D 306 11.76 -29.15 -8.95
C SER D 306 12.52 -29.12 -7.61
N LEU D 307 13.75 -28.58 -7.61
CA LEU D 307 14.51 -28.50 -6.36
C LEU D 307 13.94 -27.48 -5.39
N ASP D 308 13.38 -26.36 -5.90
CA ASP D 308 12.73 -25.40 -5.01
C ASP D 308 11.51 -26.00 -4.32
N ARG D 309 10.71 -26.79 -5.07
CA ARG D 309 9.55 -27.46 -4.46
C ARG D 309 9.98 -28.50 -3.42
N TYR D 310 11.08 -29.22 -3.71
CA TYR D 310 11.58 -30.21 -2.77
C TYR D 310 12.05 -29.58 -1.48
N TRP D 311 12.82 -28.50 -1.55
CA TRP D 311 13.32 -27.88 -0.34
C TRP D 311 12.20 -27.21 0.44
N ALA D 312 11.18 -26.72 -0.28
CA ALA D 312 10.01 -26.10 0.35
C ALA D 312 9.24 -27.08 1.23
N VAL D 313 9.02 -28.31 0.76
CA VAL D 313 8.31 -29.26 1.62
C VAL D 313 9.23 -30.17 2.43
N SER D 314 10.54 -30.12 2.21
CA SER D 314 11.46 -30.97 2.94
C SER D 314 12.01 -30.29 4.18
N ARG D 315 12.42 -29.04 4.06
CA ARG D 315 12.91 -28.27 5.20
C ARG D 315 12.02 -27.03 5.33
N ALA D 316 10.88 -27.20 5.99
CA ALA D 316 9.71 -26.36 5.75
C ALA D 316 9.90 -24.93 6.22
N LEU D 317 10.15 -24.76 7.52
CA LEU D 317 10.17 -23.42 8.09
C LEU D 317 11.49 -22.72 7.94
N GLU D 318 12.60 -23.45 7.85
CA GLU D 318 13.90 -22.80 7.80
C GLU D 318 14.40 -22.56 6.38
N TYR D 319 13.71 -23.07 5.37
CA TYR D 319 13.89 -22.63 3.98
C TYR D 319 12.86 -21.61 3.57
N ASN D 320 11.74 -21.52 4.30
CA ASN D 320 10.77 -20.44 4.13
C ASN D 320 11.42 -19.09 4.38
N SER D 321 12.36 -19.03 5.32
CA SER D 321 13.15 -17.83 5.58
C SER D 321 14.29 -17.63 4.58
N LYS D 322 14.45 -18.55 3.63
CA LYS D 322 15.47 -18.41 2.59
C LYS D 322 14.90 -18.22 1.19
N ARG D 323 13.60 -18.45 0.97
CA ARG D 323 12.99 -18.17 -0.33
C ARG D 323 12.78 -16.67 -0.45
N THR D 324 13.87 -15.97 -0.70
CA THR D 324 14.17 -14.57 -0.98
C THR D 324 14.18 -14.38 -2.49
N PRO D 325 13.67 -13.26 -3.00
CA PRO D 325 13.73 -13.02 -4.46
C PRO D 325 15.15 -12.98 -5.03
N ARG D 326 16.13 -12.50 -4.25
CA ARG D 326 17.50 -12.47 -4.75
C ARG D 326 18.11 -13.86 -4.87
N ARG D 327 17.71 -14.80 -4.01
CA ARG D 327 18.19 -16.17 -4.15
C ARG D 327 17.64 -16.83 -5.40
N ILE D 328 16.37 -16.56 -5.70
CA ILE D 328 15.74 -17.09 -6.91
C ILE D 328 16.39 -16.48 -8.14
N LYS D 329 16.74 -15.19 -8.08
CA LYS D 329 17.44 -14.54 -9.19
C LYS D 329 18.85 -15.10 -9.37
N CYS D 330 19.52 -15.46 -8.29
CA CYS D 330 20.82 -16.13 -8.40
C CYS D 330 20.70 -17.50 -9.07
N ILE D 331 19.65 -18.27 -8.72
CA ILE D 331 19.44 -19.57 -9.36
C ILE D 331 19.10 -19.40 -10.86
N ILE D 332 18.34 -18.36 -11.20
CA ILE D 332 18.00 -18.09 -12.60
C ILE D 332 19.25 -17.75 -13.42
N LEU D 333 20.07 -16.83 -12.91
CA LEU D 333 21.31 -16.46 -13.58
C LEU D 333 22.27 -17.65 -13.70
N THR D 334 22.29 -18.52 -12.68
CA THR D 334 23.15 -19.69 -12.72
C THR D 334 22.70 -20.69 -13.80
N VAL D 335 21.39 -20.90 -13.96
CA VAL D 335 20.96 -21.87 -14.97
C VAL D 335 21.11 -21.30 -16.38
N TRP D 336 21.01 -19.96 -16.54
CA TRP D 336 21.33 -19.39 -17.84
C TRP D 336 22.82 -19.48 -18.17
N LEU D 337 23.69 -19.35 -17.16
CA LEU D 337 25.11 -19.55 -17.40
C LEU D 337 25.44 -21.00 -17.73
N ILE D 338 24.75 -21.96 -17.11
CA ILE D 338 24.95 -23.36 -17.43
C ILE D 338 24.53 -23.67 -18.87
N ALA D 339 23.42 -23.08 -19.32
CA ALA D 339 22.98 -23.26 -20.69
C ALA D 339 23.95 -22.62 -21.69
N ALA D 340 24.53 -21.46 -21.33
CA ALA D 340 25.51 -20.82 -22.21
C ALA D 340 26.80 -21.64 -22.31
N VAL D 341 27.24 -22.23 -21.18
CA VAL D 341 28.43 -23.08 -21.21
C VAL D 341 28.18 -24.35 -22.02
N ILE D 342 26.95 -24.87 -22.02
CA ILE D 342 26.64 -26.00 -22.90
C ILE D 342 26.65 -25.56 -24.36
N SER D 343 26.18 -24.35 -24.65
CA SER D 343 26.03 -23.94 -26.05
C SER D 343 27.33 -23.50 -26.73
N LEU D 344 28.29 -22.93 -26.00
CA LEU D 344 29.52 -22.41 -26.63
C LEU D 344 30.57 -23.32 -27.29
N PRO D 345 30.80 -24.58 -26.89
CA PRO D 345 31.89 -25.38 -27.53
C PRO D 345 31.74 -25.67 -29.03
N PRO D 346 30.55 -25.73 -29.63
CA PRO D 346 30.53 -25.80 -31.11
C PRO D 346 30.90 -24.50 -31.82
N LEU D 347 31.17 -23.42 -31.11
CA LEU D 347 31.66 -22.19 -31.72
C LEU D 347 33.06 -21.79 -31.30
N ILE D 348 33.49 -22.16 -30.09
CA ILE D 348 34.85 -21.84 -29.69
C ILE D 348 35.80 -22.96 -30.08
N CYS D 363 22.17 -27.00 -42.71
CA CYS D 363 22.90 -26.98 -41.45
C CYS D 363 22.97 -28.33 -40.76
N LYS D 364 24.12 -28.59 -40.15
CA LYS D 364 24.39 -29.81 -39.41
C LYS D 364 23.85 -29.65 -37.99
N LEU D 365 24.25 -30.55 -37.09
CA LEU D 365 23.87 -30.39 -35.69
C LEU D 365 24.96 -30.79 -34.70
N ASN D 366 26.01 -31.48 -35.12
CA ASN D 366 27.00 -31.99 -34.17
C ASN D 366 28.02 -30.93 -33.76
N ALA D 369 30.98 -36.17 -30.98
CA ALA D 369 30.96 -37.30 -30.07
C ALA D 369 31.30 -36.84 -28.65
N TRP D 370 32.44 -36.18 -28.51
CA TRP D 370 32.82 -35.62 -27.22
C TRP D 370 31.89 -34.50 -26.79
N TYR D 371 31.28 -33.81 -27.76
CA TYR D 371 30.28 -32.79 -27.43
C TYR D 371 28.88 -33.37 -27.35
N ILE D 372 28.55 -34.33 -28.23
CA ILE D 372 27.26 -35.02 -28.18
C ILE D 372 27.04 -35.66 -26.83
N LEU D 373 28.07 -36.34 -26.31
CA LEU D 373 27.93 -37.08 -25.06
C LEU D 373 27.81 -36.13 -23.87
N ALA D 374 28.67 -35.10 -23.81
CA ALA D 374 28.66 -34.18 -22.68
C ALA D 374 27.45 -33.26 -22.70
N SER D 375 27.05 -32.79 -23.88
CA SER D 375 25.84 -31.98 -23.98
C SER D 375 24.60 -32.80 -23.70
N SER D 376 24.59 -34.07 -24.10
CA SER D 376 23.46 -34.94 -23.80
C SER D 376 23.32 -35.17 -22.30
N ILE D 377 24.45 -35.43 -21.61
CA ILE D 377 24.42 -35.60 -20.16
C ILE D 377 23.94 -34.33 -19.48
N GLY D 378 24.69 -33.23 -19.64
CA GLY D 378 24.39 -31.99 -18.96
C GLY D 378 23.13 -31.28 -19.41
N SER D 379 22.54 -31.69 -20.54
CA SER D 379 21.30 -31.13 -21.00
C SER D 379 20.09 -31.93 -20.56
N PHE D 380 20.14 -33.26 -20.62
CA PHE D 380 18.98 -34.04 -20.25
C PHE D 380 19.22 -34.96 -19.07
N PHE D 381 20.30 -35.76 -19.08
CA PHE D 381 20.31 -36.95 -18.24
C PHE D 381 20.62 -36.64 -16.78
N ALA D 382 21.35 -35.59 -16.49
CA ALA D 382 21.47 -35.19 -15.10
C ALA D 382 20.23 -34.45 -14.60
N PRO D 383 19.66 -33.44 -15.31
CA PRO D 383 18.42 -32.83 -14.77
C PRO D 383 17.21 -33.74 -14.77
N CYS D 384 17.09 -34.69 -15.69
CA CYS D 384 15.96 -35.62 -15.64
C CYS D 384 16.07 -36.58 -14.47
N LEU D 385 17.28 -37.06 -14.19
CA LEU D 385 17.47 -37.97 -13.06
C LEU D 385 17.25 -37.26 -11.74
N ILE D 386 17.68 -36.00 -11.65
CA ILE D 386 17.44 -35.22 -10.45
C ILE D 386 15.94 -34.91 -10.29
N MET D 387 15.23 -34.63 -11.39
CA MET D 387 13.78 -34.39 -11.30
C MET D 387 13.02 -35.64 -10.88
N ILE D 388 13.43 -36.81 -11.36
CA ILE D 388 12.78 -38.06 -10.95
C ILE D 388 13.01 -38.35 -9.47
N LEU D 389 14.24 -38.19 -8.98
CA LEU D 389 14.52 -38.45 -7.56
C LEU D 389 13.81 -37.46 -6.65
N VAL D 390 13.84 -36.17 -7.03
CA VAL D 390 13.16 -35.12 -6.28
C VAL D 390 11.66 -35.38 -6.21
N TYR D 391 11.02 -35.70 -7.34
CA TYR D 391 9.58 -35.93 -7.31
C TYR D 391 9.18 -37.23 -6.64
N LEU D 392 10.06 -38.24 -6.61
CA LEU D 392 9.79 -39.40 -5.75
C LEU D 392 9.76 -39.01 -4.28
N ARG D 393 10.70 -38.16 -3.86
CA ARG D 393 10.68 -37.73 -2.46
C ARG D 393 9.53 -36.78 -2.16
N ILE D 394 9.12 -35.99 -3.15
CA ILE D 394 7.87 -35.21 -3.07
C ILE D 394 6.68 -36.11 -2.84
N TYR D 395 6.61 -37.22 -3.58
CA TYR D 395 5.51 -38.19 -3.44
C TYR D 395 5.50 -38.81 -2.05
N LEU D 396 6.68 -39.15 -1.53
CA LEU D 396 6.77 -39.72 -0.18
C LEU D 396 6.34 -38.71 0.89
N ILE D 397 6.76 -37.46 0.77
CA ILE D 397 6.34 -36.42 1.72
C ILE D 397 4.85 -36.15 1.62
N ALA D 398 4.30 -36.16 0.40
CA ALA D 398 2.86 -35.90 0.23
C ALA D 398 2.01 -37.04 0.78
N LYS D 399 2.43 -38.29 0.55
CA LYS D 399 1.70 -39.42 1.08
C LYS D 399 1.86 -39.52 2.60
N ARG D 400 3.01 -39.09 3.13
CA ARG D 400 3.20 -39.07 4.58
C ARG D 400 2.35 -38.00 5.24
N SER D 401 2.24 -36.83 4.61
CA SER D 401 1.39 -35.76 5.12
C SER D 401 -0.09 -36.05 4.95
N ASN D 402 -0.46 -36.89 3.99
CA ASN D 402 -1.87 -37.20 3.77
C ASN D 402 -2.36 -38.16 4.84
N ALA D 423 -12.26 -36.62 -0.37
CA ALA D 423 -11.44 -36.01 0.67
C ALA D 423 -10.01 -36.48 0.59
N GLN D 424 -9.75 -37.70 1.08
CA GLN D 424 -8.41 -38.22 1.28
C GLN D 424 -7.98 -39.21 0.20
N LEU D 425 -8.83 -40.20 -0.11
CA LEU D 425 -8.54 -41.13 -1.19
C LEU D 425 -8.65 -40.47 -2.55
N THR D 426 -9.38 -39.36 -2.67
CA THR D 426 -9.33 -38.60 -3.91
C THR D 426 -8.13 -37.67 -3.95
N ARG D 427 -7.65 -37.23 -2.79
CA ARG D 427 -6.43 -36.43 -2.73
C ARG D 427 -5.21 -37.25 -3.14
N GLU D 428 -5.20 -38.54 -2.79
CA GLU D 428 -4.04 -39.36 -3.13
C GLU D 428 -4.00 -39.65 -4.63
N LYS D 429 -5.15 -39.94 -5.23
CA LYS D 429 -5.23 -40.03 -6.69
C LYS D 429 -4.93 -38.70 -7.35
N ARG D 430 -5.25 -37.59 -6.69
CA ARG D 430 -4.94 -36.26 -7.20
C ARG D 430 -3.43 -36.05 -7.32
N PHE D 431 -2.68 -36.23 -6.23
CA PHE D 431 -1.25 -35.95 -6.36
C PHE D 431 -0.52 -37.02 -7.16
N THR D 432 -1.04 -38.25 -7.20
CA THR D 432 -0.49 -39.26 -8.11
C THR D 432 -0.64 -38.83 -9.58
N PHE D 433 -1.84 -38.36 -9.95
CA PHE D 433 -2.09 -37.92 -11.32
C PHE D 433 -1.28 -36.67 -11.66
N VAL D 434 -1.16 -35.72 -10.73
CA VAL D 434 -0.42 -34.50 -10.99
C VAL D 434 1.07 -34.79 -11.18
N LEU D 435 1.67 -35.59 -10.28
CA LEU D 435 3.07 -35.94 -10.43
C LEU D 435 3.31 -36.79 -11.67
N ALA D 436 2.34 -37.61 -12.07
CA ALA D 436 2.47 -38.40 -13.29
C ALA D 436 2.51 -37.50 -14.52
N VAL D 437 1.61 -36.51 -14.59
CA VAL D 437 1.57 -35.61 -15.75
C VAL D 437 2.84 -34.76 -15.81
N VAL D 438 3.28 -34.23 -14.65
CA VAL D 438 4.46 -33.39 -14.60
C VAL D 438 5.72 -34.17 -14.99
N ILE D 439 5.90 -35.37 -14.43
CA ILE D 439 7.10 -36.13 -14.76
C ILE D 439 6.99 -36.82 -16.11
N GLY D 440 5.80 -36.94 -16.68
CA GLY D 440 5.63 -37.74 -17.87
C GLY D 440 5.60 -36.97 -19.16
N VAL D 441 5.09 -35.74 -19.14
CA VAL D 441 5.13 -34.93 -20.35
C VAL D 441 6.57 -34.53 -20.69
N PHE D 442 7.39 -34.28 -19.67
CA PHE D 442 8.80 -33.98 -19.87
C PHE D 442 9.55 -35.15 -20.50
N VAL D 443 9.35 -36.36 -19.97
CA VAL D 443 10.05 -37.54 -20.48
C VAL D 443 9.55 -37.89 -21.87
N LEU D 444 8.23 -37.85 -22.08
CA LEU D 444 7.64 -38.16 -23.38
C LEU D 444 8.05 -37.15 -24.45
N CYS D 445 8.32 -35.90 -24.07
CA CYS D 445 8.77 -34.94 -25.06
C CYS D 445 10.26 -35.06 -25.36
N TRP D 446 11.11 -35.17 -24.33
CA TRP D 446 12.54 -35.04 -24.60
C TRP D 446 13.31 -36.34 -24.68
N PHE D 447 12.88 -37.42 -24.02
CA PHE D 447 13.69 -38.64 -23.98
C PHE D 447 13.92 -39.33 -25.32
N PRO D 448 12.97 -39.40 -26.28
CA PRO D 448 13.34 -40.00 -27.59
C PRO D 448 14.43 -39.26 -28.35
N PHE D 449 14.48 -37.92 -28.28
CA PHE D 449 15.54 -37.19 -28.95
C PHE D 449 16.91 -37.48 -28.34
N PHE D 450 17.00 -37.41 -27.01
CA PHE D 450 18.30 -37.62 -26.39
C PHE D 450 18.73 -39.08 -26.39
N PHE D 451 17.78 -40.01 -26.47
CA PHE D 451 18.17 -41.41 -26.71
C PHE D 451 18.67 -41.61 -28.13
N SER D 452 17.97 -41.05 -29.13
CA SER D 452 18.41 -41.21 -30.51
C SER D 452 19.68 -40.42 -30.81
N TYR D 453 19.93 -39.36 -30.04
CA TYR D 453 21.06 -38.46 -30.19
C TYR D 453 22.30 -38.98 -29.49
N SER D 454 22.15 -39.59 -28.31
CA SER D 454 23.30 -40.25 -27.68
C SER D 454 23.66 -41.55 -28.38
N LEU D 455 22.77 -42.10 -29.19
CA LEU D 455 23.04 -43.31 -29.93
C LEU D 455 23.31 -43.01 -31.40
N PRO D 466 17.35 -43.14 -39.18
CA PRO D 466 16.44 -43.26 -40.34
C PRO D 466 15.88 -41.92 -40.83
N HIS D 467 16.17 -40.83 -40.11
CA HIS D 467 15.97 -39.44 -40.47
C HIS D 467 14.50 -39.00 -40.47
N GLY D 468 13.54 -39.91 -40.34
CA GLY D 468 12.16 -39.50 -40.20
C GLY D 468 11.76 -39.40 -38.74
N LEU D 469 12.02 -40.49 -38.01
CA LEU D 469 11.77 -40.52 -36.57
C LEU D 469 12.62 -39.50 -35.84
N PHE D 470 13.85 -39.27 -36.32
CA PHE D 470 14.75 -38.36 -35.63
C PHE D 470 14.28 -36.92 -35.75
N GLN D 471 13.74 -36.55 -36.91
CA GLN D 471 13.18 -35.21 -37.05
C GLN D 471 11.83 -35.09 -36.32
N PHE D 472 11.05 -36.18 -36.26
CA PHE D 472 9.84 -36.15 -35.43
C PHE D 472 10.18 -35.94 -33.96
N PHE D 473 11.23 -36.59 -33.47
CA PHE D 473 11.67 -36.40 -32.10
C PHE D 473 12.21 -34.99 -31.89
N PHE D 474 12.87 -34.46 -32.93
CA PHE D 474 13.38 -33.09 -32.92
C PHE D 474 12.26 -32.07 -32.72
N TRP D 475 11.09 -32.32 -33.31
CA TRP D 475 9.98 -31.38 -33.14
C TRP D 475 9.17 -31.64 -31.86
N ILE D 476 9.08 -32.90 -31.43
CA ILE D 476 8.47 -33.24 -30.15
C ILE D 476 9.22 -32.61 -28.99
N GLY D 477 10.53 -32.40 -29.15
CA GLY D 477 11.27 -31.58 -28.21
C GLY D 477 10.76 -30.16 -28.10
N TYR D 478 10.39 -29.54 -29.23
CA TYR D 478 9.85 -28.18 -29.19
C TYR D 478 8.47 -28.13 -28.58
N CYS D 479 7.73 -29.25 -28.63
CA CYS D 479 6.37 -29.25 -28.08
C CYS D 479 6.33 -29.05 -26.56
N ASN D 480 7.39 -29.43 -25.84
CA ASN D 480 7.43 -29.25 -24.39
C ASN D 480 7.47 -27.77 -24.02
N SER D 481 8.10 -26.95 -24.86
CA SER D 481 8.15 -25.51 -24.67
C SER D 481 6.78 -24.86 -24.71
N SER D 482 5.81 -25.49 -25.38
CA SER D 482 4.44 -25.02 -25.38
C SER D 482 3.57 -25.70 -24.34
N LEU D 483 3.92 -26.91 -23.93
CA LEU D 483 3.15 -27.58 -22.88
C LEU D 483 3.55 -27.19 -21.46
N ASN D 484 4.68 -26.49 -21.29
CA ASN D 484 5.07 -26.03 -19.94
C ASN D 484 4.15 -25.02 -19.25
N PRO D 485 3.53 -24.01 -19.91
CA PRO D 485 2.70 -23.06 -19.13
C PRO D 485 1.48 -23.68 -18.48
N VAL D 486 0.79 -24.58 -19.18
CA VAL D 486 -0.37 -25.23 -18.58
C VAL D 486 0.06 -26.16 -17.44
N ILE D 487 1.15 -26.91 -17.61
CA ILE D 487 1.59 -27.84 -16.57
C ILE D 487 2.03 -27.10 -15.32
N TYR D 488 2.74 -26.00 -15.46
CA TYR D 488 3.26 -25.31 -14.29
C TYR D 488 2.39 -24.15 -13.84
N THR D 489 1.18 -23.99 -14.40
CA THR D 489 0.22 -23.05 -13.83
C THR D 489 -1.15 -23.63 -13.49
N ILE D 490 -1.66 -24.62 -14.24
CA ILE D 490 -3.09 -24.90 -14.26
C ILE D 490 -3.57 -25.63 -13.00
N PHE D 491 -2.66 -26.14 -12.18
CA PHE D 491 -3.04 -26.83 -10.95
C PHE D 491 -2.99 -25.91 -9.75
N ASN D 492 -2.60 -24.66 -9.93
CA ASN D 492 -2.58 -23.67 -8.87
C ASN D 492 -3.86 -22.83 -8.98
N GLN D 493 -4.59 -22.73 -7.86
CA GLN D 493 -5.83 -21.99 -7.85
C GLN D 493 -5.60 -20.50 -8.04
N ASP D 494 -4.44 -19.99 -7.65
CA ASP D 494 -4.16 -18.57 -7.80
C ASP D 494 -3.89 -18.22 -9.26
N PHE D 495 -3.14 -19.07 -9.95
CA PHE D 495 -3.01 -18.93 -11.40
C PHE D 495 -4.33 -19.09 -12.12
N ARG D 496 -5.20 -19.99 -11.64
CA ARG D 496 -6.48 -20.19 -12.31
C ARG D 496 -7.39 -18.98 -12.14
N ARG D 497 -7.39 -18.38 -10.95
CA ARG D 497 -8.17 -17.17 -10.71
C ARG D 497 -7.60 -15.97 -11.47
N ALA D 498 -6.27 -15.89 -11.57
CA ALA D 498 -5.66 -14.83 -12.38
C ALA D 498 -5.99 -14.99 -13.86
N PHE D 499 -5.98 -16.21 -14.36
CA PHE D 499 -6.28 -16.45 -15.77
C PHE D 499 -7.75 -16.18 -16.09
N ARG D 500 -8.66 -16.54 -15.18
CA ARG D 500 -10.07 -16.26 -15.45
C ARG D 500 -10.37 -14.78 -15.34
N ARG D 501 -9.66 -14.04 -14.47
CA ARG D 501 -9.92 -12.60 -14.41
C ARG D 501 -9.26 -11.86 -15.56
N ILE D 502 -8.17 -12.39 -16.12
CA ILE D 502 -7.59 -11.76 -17.30
C ILE D 502 -8.45 -12.03 -18.54
N LEU D 503 -8.85 -13.28 -18.76
CA LEU D 503 -9.57 -13.59 -19.99
C LEU D 503 -11.09 -13.48 -19.88
N CYS D 504 -11.62 -13.08 -18.72
CA CYS D 504 -13.05 -12.90 -18.59
C CYS D 504 -13.37 -11.61 -17.85
N ASP E 39 18.66 24.13 17.26
CA ASP E 39 18.10 23.57 16.04
C ASP E 39 19.19 22.94 15.17
N VAL E 40 19.05 23.12 13.86
CA VAL E 40 19.92 22.49 12.88
C VAL E 40 21.20 23.28 12.77
N GLN E 41 22.31 22.59 12.57
CA GLN E 41 23.60 23.23 12.39
C GLN E 41 24.41 22.52 11.32
N LEU E 42 25.23 23.31 10.64
CA LEU E 42 26.25 22.82 9.71
C LEU E 42 27.52 23.62 10.02
N VAL E 43 28.58 22.93 10.44
CA VAL E 43 29.81 23.59 10.85
C VAL E 43 30.93 23.11 9.93
N GLU E 44 31.46 24.01 9.12
CA GLU E 44 32.56 23.66 8.22
C GLU E 44 33.88 23.71 8.98
N SER E 45 34.84 22.91 8.52
CA SER E 45 36.17 22.90 9.12
C SER E 45 37.18 22.47 8.07
N GLY E 46 38.35 23.10 8.10
CA GLY E 46 39.43 22.67 7.23
C GLY E 46 39.94 23.69 6.23
N GLY E 47 39.86 24.97 6.57
CA GLY E 47 40.32 25.99 5.65
C GLY E 47 41.48 26.82 6.16
N GLY E 48 42.67 26.63 5.57
CA GLY E 48 43.84 27.41 5.95
C GLY E 48 44.70 27.74 4.76
N LEU E 49 45.88 28.31 4.98
CA LEU E 49 46.74 28.72 3.87
C LEU E 49 47.41 27.51 3.24
N VAL E 50 47.38 27.45 1.91
CA VAL E 50 47.97 26.36 1.13
C VAL E 50 48.79 27.01 0.01
N GLN E 51 49.98 26.48 -0.25
CA GLN E 51 50.76 26.94 -1.39
C GLN E 51 50.07 26.54 -2.71
N PRO E 52 50.23 27.33 -3.77
CA PRO E 52 49.52 27.04 -5.03
C PRO E 52 49.96 25.74 -5.67
N GLY E 53 48.98 24.96 -6.13
CA GLY E 53 49.23 23.65 -6.66
C GLY E 53 49.12 22.52 -5.66
N GLY E 54 48.76 22.82 -4.41
CA GLY E 54 48.74 21.81 -3.37
C GLY E 54 47.42 21.09 -3.21
N SER E 55 47.01 20.86 -1.96
CA SER E 55 45.77 20.17 -1.67
C SER E 55 45.28 20.58 -0.29
N ARG E 56 44.00 20.36 -0.05
CA ARG E 56 43.34 20.50 1.24
C ARG E 56 41.98 19.84 1.14
N LYS E 57 41.52 19.24 2.24
CA LYS E 57 40.22 18.61 2.31
C LYS E 57 39.35 19.40 3.30
N LEU E 58 38.19 19.84 2.84
CA LEU E 58 37.20 20.50 3.69
C LEU E 58 36.25 19.46 4.29
N SER E 59 35.68 19.80 5.43
CA SER E 59 34.77 18.91 6.12
C SER E 59 33.70 19.71 6.83
N CYS E 60 32.44 19.40 6.53
CA CYS E 60 31.27 20.01 7.15
C CYS E 60 30.60 19.00 8.06
N SER E 61 30.38 19.38 9.33
CA SER E 61 29.81 18.49 10.32
C SER E 61 28.40 18.93 10.65
N ALA E 62 27.44 18.03 10.45
CA ALA E 62 26.03 18.33 10.63
C ALA E 62 25.53 17.79 11.97
N SER E 63 24.55 18.49 12.53
CA SER E 63 23.89 18.03 13.74
C SER E 63 22.50 18.64 13.80
N GLY E 64 21.53 17.88 14.28
CA GLY E 64 20.21 18.40 14.55
C GLY E 64 19.17 18.19 13.48
N PHE E 65 19.42 17.34 12.48
CA PHE E 65 18.45 17.01 11.45
C PHE E 65 18.84 15.65 10.86
N ALA E 66 18.04 15.18 9.92
CA ALA E 66 18.21 13.87 9.31
C ALA E 66 19.10 14.01 8.09
N PHE E 67 20.42 13.93 8.30
CA PHE E 67 21.43 14.25 7.29
C PHE E 67 21.32 13.39 6.04
N SER E 68 20.84 12.16 6.17
CA SER E 68 20.82 11.23 5.06
C SER E 68 19.71 11.50 4.07
N SER E 69 18.69 12.25 4.46
CA SER E 69 17.55 12.54 3.63
C SER E 69 17.75 13.79 2.78
N PHE E 70 18.79 14.56 3.06
CA PHE E 70 19.06 15.81 2.39
C PHE E 70 20.17 15.62 1.36
N GLY E 71 20.03 16.27 0.22
CA GLY E 71 21.17 16.46 -0.64
C GLY E 71 22.01 17.62 -0.18
N MET E 72 23.28 17.61 -0.57
CA MET E 72 24.24 18.55 -0.03
C MET E 72 24.95 19.28 -1.15
N HIS E 73 25.27 20.54 -0.91
CA HIS E 73 25.88 21.44 -1.87
C HIS E 73 27.10 22.11 -1.28
N TRP E 74 28.04 22.48 -2.14
CA TRP E 74 29.08 23.43 -1.79
C TRP E 74 28.91 24.67 -2.65
N VAL E 75 28.90 25.83 -1.99
CA VAL E 75 28.80 27.13 -2.65
C VAL E 75 29.92 27.99 -2.11
N ARG E 76 30.77 28.49 -2.98
CA ARG E 76 31.91 29.31 -2.59
C ARG E 76 31.58 30.78 -2.76
N GLN E 77 32.38 31.63 -2.11
CA GLN E 77 32.28 33.07 -2.29
C GLN E 77 33.70 33.63 -2.29
N ALA E 78 34.13 34.11 -3.45
CA ALA E 78 35.39 34.83 -3.65
C ALA E 78 35.45 36.05 -2.75
N PRO E 79 36.63 36.50 -2.31
CA PRO E 79 36.66 37.60 -1.33
C PRO E 79 36.27 38.95 -1.90
N GLU E 80 36.16 39.08 -3.21
CA GLU E 80 35.69 40.34 -3.77
C GLU E 80 34.20 40.47 -3.58
N LYS E 81 33.43 39.66 -4.32
CA LYS E 81 31.97 39.60 -4.30
C LYS E 81 31.54 38.25 -4.89
N GLY E 82 30.28 37.92 -4.66
CA GLY E 82 29.60 36.92 -5.49
C GLY E 82 29.60 35.48 -5.01
N LEU E 83 28.42 34.88 -4.99
CA LEU E 83 28.25 33.46 -4.71
C LEU E 83 28.31 32.67 -6.01
N GLU E 84 28.93 31.49 -5.96
CA GLU E 84 28.82 30.58 -7.09
C GLU E 84 28.93 29.14 -6.61
N TRP E 85 28.37 28.25 -7.41
CA TRP E 85 28.14 26.87 -7.05
C TRP E 85 29.38 26.02 -7.35
N VAL E 86 29.63 25.02 -6.52
CA VAL E 86 30.78 24.14 -6.70
C VAL E 86 30.34 22.72 -7.05
N ALA E 87 29.60 22.07 -6.16
CA ALA E 87 29.30 20.66 -6.34
C ALA E 87 28.02 20.29 -5.61
N TYR E 88 27.50 19.12 -5.96
CA TYR E 88 26.26 18.57 -5.43
C TYR E 88 26.42 17.06 -5.29
N ILE E 89 26.15 16.53 -4.11
CA ILE E 89 25.98 15.10 -3.93
C ILE E 89 24.57 14.86 -3.41
N SER E 90 23.90 13.84 -3.94
CA SER E 90 22.49 13.65 -3.66
C SER E 90 22.30 13.00 -2.29
N SER E 91 21.06 12.58 -2.02
CA SER E 91 20.70 12.11 -0.68
C SER E 91 21.29 10.75 -0.39
N GLY E 92 21.17 9.80 -1.33
CA GLY E 92 21.76 8.50 -1.15
C GLY E 92 23.13 8.37 -1.77
N SER E 93 23.76 9.53 -2.05
CA SER E 93 25.09 9.64 -2.66
C SER E 93 25.15 8.97 -4.02
N GLY E 94 24.10 9.12 -4.81
CA GLY E 94 24.00 8.41 -6.08
C GLY E 94 24.10 9.29 -7.29
N THR E 95 23.99 10.60 -7.11
CA THR E 95 24.08 11.56 -8.19
C THR E 95 25.05 12.65 -7.76
N ILE E 96 26.05 12.93 -8.59
CA ILE E 96 27.08 13.90 -8.27
C ILE E 96 27.28 14.81 -9.48
N TYR E 97 27.29 16.13 -9.24
CA TYR E 97 27.53 17.13 -10.26
C TYR E 97 28.62 18.08 -9.81
N TYR E 98 29.35 18.63 -10.77
CA TYR E 98 30.41 19.61 -10.52
C TYR E 98 30.23 20.81 -11.44
N ALA E 99 30.97 21.87 -11.16
CA ALA E 99 31.08 23.00 -12.04
C ALA E 99 32.17 22.74 -13.09
N ASP E 100 32.33 23.69 -14.02
CA ASP E 100 33.36 23.53 -15.03
C ASP E 100 34.74 23.90 -14.51
N THR E 101 34.83 24.83 -13.56
CA THR E 101 36.09 25.19 -12.93
C THR E 101 36.44 24.28 -11.75
N VAL E 102 35.74 23.16 -11.60
CA VAL E 102 35.80 22.30 -10.43
C VAL E 102 36.01 20.87 -10.92
N LYS E 103 35.58 20.63 -12.16
CA LYS E 103 35.61 19.30 -12.78
C LYS E 103 37.02 18.74 -12.88
N GLY E 104 37.20 17.52 -12.41
CA GLY E 104 38.49 16.86 -12.37
C GLY E 104 39.24 17.06 -11.07
N ARG E 105 39.35 18.31 -10.62
CA ARG E 105 40.22 18.63 -9.50
C ARG E 105 39.55 18.37 -8.15
N PHE E 106 38.26 18.67 -8.01
CA PHE E 106 37.59 18.53 -6.72
C PHE E 106 36.78 17.24 -6.71
N THR E 107 36.49 16.76 -5.50
CA THR E 107 35.68 15.56 -5.32
C THR E 107 34.86 15.69 -4.04
N ILE E 108 33.54 15.57 -4.16
CA ILE E 108 32.61 15.68 -3.05
C ILE E 108 32.26 14.27 -2.57
N SER E 109 32.08 14.14 -1.25
CA SER E 109 31.70 12.87 -0.66
C SER E 109 31.02 13.13 0.67
N ARG E 110 30.26 12.14 1.12
CA ARG E 110 29.55 12.23 2.38
C ARG E 110 29.66 10.89 3.10
N ASP E 111 29.67 10.95 4.43
CA ASP E 111 29.54 9.76 5.25
C ASP E 111 28.35 9.95 6.17
N ASP E 112 27.29 9.20 5.94
CA ASP E 112 26.05 9.31 6.67
C ASP E 112 26.09 8.84 8.14
N PRO E 113 26.80 7.76 8.52
CA PRO E 113 26.89 7.48 9.97
C PRO E 113 27.67 8.52 10.76
N LYS E 114 28.57 9.24 10.11
CA LYS E 114 29.36 10.29 10.76
C LYS E 114 28.66 11.64 10.68
N ASN E 115 27.66 11.76 9.81
CA ASN E 115 26.93 13.00 9.47
C ASN E 115 27.87 14.09 8.98
N THR E 116 28.80 13.72 8.09
CA THR E 116 29.77 14.67 7.59
C THR E 116 29.78 14.71 6.06
N LEU E 117 30.11 15.88 5.55
CA LEU E 117 30.27 16.14 4.13
C LEU E 117 31.72 16.53 3.88
N PHE E 118 32.29 16.06 2.79
CA PHE E 118 33.70 16.32 2.48
C PHE E 118 33.84 16.98 1.12
N LEU E 119 34.97 17.66 0.94
CA LEU E 119 35.36 18.23 -0.35
C LEU E 119 36.88 18.10 -0.45
N GLN E 120 37.34 17.05 -1.10
CA GLN E 120 38.76 16.89 -1.37
C GLN E 120 39.13 17.75 -2.57
N MET E 121 40.04 18.69 -2.36
CA MET E 121 40.43 19.67 -3.36
C MET E 121 41.89 19.45 -3.73
N THR E 122 42.18 19.37 -5.03
CA THR E 122 43.54 19.22 -5.51
C THR E 122 43.88 20.33 -6.51
N SER E 123 45.18 20.61 -6.62
CA SER E 123 45.76 21.57 -7.55
C SER E 123 45.22 22.98 -7.31
N LEU E 124 45.30 23.43 -6.06
CA LEU E 124 44.64 24.66 -5.62
C LEU E 124 45.27 25.88 -6.27
N ARG E 125 44.56 26.44 -7.24
CA ARG E 125 44.99 27.62 -7.98
C ARG E 125 44.56 28.87 -7.25
N SER E 126 44.97 30.03 -7.76
CA SER E 126 44.61 31.30 -7.15
C SER E 126 43.14 31.64 -7.34
N GLU E 127 42.47 30.98 -8.27
CA GLU E 127 41.03 31.09 -8.48
C GLU E 127 40.21 30.24 -7.52
N ASP E 128 40.79 29.80 -6.39
CA ASP E 128 40.09 28.97 -5.42
C ASP E 128 40.07 29.56 -4.01
N THR E 129 40.56 30.79 -3.82
CA THR E 129 40.50 31.44 -2.52
C THR E 129 39.07 31.90 -2.30
N ALA E 130 38.37 31.28 -1.36
CA ALA E 130 36.95 31.59 -1.18
C ALA E 130 36.50 31.18 0.22
N MET E 131 35.42 31.81 0.67
CA MET E 131 34.62 31.30 1.76
C MET E 131 33.71 30.19 1.24
N TYR E 132 33.82 29.00 1.80
CA TYR E 132 33.10 27.83 1.32
C TYR E 132 31.97 27.49 2.28
N TYR E 133 30.78 27.26 1.75
CA TYR E 133 29.59 26.98 2.54
C TYR E 133 29.06 25.60 2.17
N CYS E 134 28.68 24.81 3.17
CA CYS E 134 27.90 23.61 2.94
C CYS E 134 26.43 23.96 3.12
N VAL E 135 25.60 23.52 2.18
CA VAL E 135 24.18 23.85 2.12
C VAL E 135 23.39 22.55 2.12
N ARG E 136 22.33 22.47 2.92
CA ARG E 136 21.45 21.32 2.93
C ARG E 136 20.23 21.59 2.05
N SER E 137 19.75 20.56 1.37
CA SER E 137 18.72 20.74 0.36
C SER E 137 17.95 19.45 0.18
N ILE E 138 16.62 19.53 0.20
CA ILE E 138 15.77 18.35 0.08
C ILE E 138 14.82 18.56 -1.08
N TYR E 139 14.41 17.46 -1.72
CA TYR E 139 13.65 17.54 -2.97
C TYR E 139 12.50 16.55 -2.95
N TYR E 140 11.29 17.07 -2.76
CA TYR E 140 10.04 16.37 -3.00
C TYR E 140 9.01 17.41 -3.43
N TYR E 141 7.75 17.03 -3.56
CA TYR E 141 6.72 17.95 -4.00
C TYR E 141 6.41 18.97 -2.91
N GLY E 142 6.82 20.22 -3.13
CA GLY E 142 6.47 21.31 -2.25
C GLY E 142 7.50 21.69 -1.22
N SER E 143 8.74 21.22 -1.36
CA SER E 143 9.78 21.41 -0.36
C SER E 143 10.53 22.72 -0.58
N SER E 144 11.43 23.01 0.36
CA SER E 144 12.32 24.17 0.31
C SER E 144 13.75 23.71 0.13
N PRO E 145 14.28 23.71 -1.08
CA PRO E 145 15.72 23.54 -1.25
C PRO E 145 16.48 24.78 -0.79
N PHE E 146 17.76 24.58 -0.44
CA PHE E 146 18.70 25.64 -0.11
C PHE E 146 18.25 26.48 1.09
N ASP E 147 17.71 25.83 2.10
CA ASP E 147 17.04 26.55 3.18
C ASP E 147 17.88 26.67 4.45
N PHE E 148 19.01 25.99 4.56
CA PHE E 148 19.92 26.25 5.67
C PHE E 148 21.36 26.16 5.17
N TRP E 149 22.14 27.19 5.45
CA TRP E 149 23.54 27.25 5.06
C TRP E 149 24.42 27.28 6.30
N GLY E 150 25.60 26.68 6.19
CA GLY E 150 26.56 26.72 7.28
C GLY E 150 27.24 28.08 7.39
N GLN E 151 28.21 28.15 8.31
CA GLN E 151 28.85 29.43 8.61
C GLN E 151 30.01 29.73 7.67
N GLY E 152 30.89 28.77 7.43
CA GLY E 152 31.92 28.93 6.41
C GLY E 152 33.34 28.64 6.84
N THR E 153 34.23 28.42 5.86
CA THR E 153 35.67 28.35 6.06
C THR E 153 36.38 29.14 4.98
N THR E 154 37.22 30.09 5.37
CA THR E 154 38.04 30.84 4.44
C THR E 154 39.23 29.99 4.01
N LEU E 155 39.27 29.62 2.74
CA LEU E 155 40.47 29.08 2.13
C LEU E 155 41.24 30.21 1.47
N THR E 156 42.55 30.22 1.66
CA THR E 156 43.44 31.16 1.00
C THR E 156 44.56 30.38 0.35
N VAL E 157 45.03 30.83 -0.81
CA VAL E 157 46.28 30.35 -1.38
C VAL E 157 47.12 31.54 -1.79
N SER E 158 48.39 31.26 -2.13
CA SER E 158 49.39 32.20 -2.63
C SER E 158 49.63 33.40 -1.70
N SER E 174 25.22 25.14 -22.85
CA SER E 174 25.30 26.54 -22.45
C SER E 174 24.66 26.75 -21.08
N ASP E 175 25.17 27.73 -20.33
CA ASP E 175 24.72 28.00 -18.98
C ASP E 175 23.76 29.19 -18.96
N ILE E 176 22.79 29.13 -18.06
CA ILE E 176 21.80 30.19 -17.92
C ILE E 176 22.44 31.37 -17.21
N VAL E 177 22.59 32.50 -17.90
CA VAL E 177 23.22 33.68 -17.35
C VAL E 177 22.17 34.49 -16.62
N MET E 178 22.45 34.83 -15.36
CA MET E 178 21.53 35.57 -14.51
C MET E 178 22.09 36.97 -14.31
N THR E 179 21.28 37.99 -14.58
CA THR E 179 21.74 39.37 -14.52
C THR E 179 20.91 40.17 -13.52
N GLN E 180 21.59 40.95 -12.70
CA GLN E 180 20.96 41.92 -11.81
C GLN E 180 21.57 43.29 -12.08
N ALA E 181 20.73 44.25 -12.44
CA ALA E 181 21.19 45.61 -12.71
C ALA E 181 20.23 46.57 -12.02
N THR E 182 20.74 47.51 -11.23
CA THR E 182 22.19 47.74 -11.04
C THR E 182 22.60 46.90 -9.81
N SER E 183 23.81 47.11 -9.29
CA SER E 183 24.32 46.30 -8.20
C SER E 183 24.16 46.93 -6.83
N SER E 184 23.71 48.18 -6.75
CA SER E 184 23.56 48.84 -5.45
C SER E 184 22.46 49.89 -5.55
N VAL E 185 21.42 49.73 -4.75
CA VAL E 185 20.29 50.66 -4.69
C VAL E 185 20.17 51.16 -3.26
N PRO E 186 20.18 52.47 -3.01
CA PRO E 186 19.98 52.95 -1.63
C PRO E 186 18.51 52.96 -1.26
N VAL E 187 18.20 52.48 -0.06
CA VAL E 187 16.83 52.47 0.44
C VAL E 187 16.77 53.28 1.72
N THR E 188 15.56 53.69 2.08
CA THR E 188 15.26 54.38 3.33
C THR E 188 14.36 53.51 4.19
N PRO E 189 14.52 53.54 5.53
CA PRO E 189 13.81 52.57 6.38
C PRO E 189 12.33 52.86 6.52
N GLY E 190 11.54 52.34 5.59
CA GLY E 190 10.10 52.53 5.58
C GLY E 190 9.52 52.62 4.19
N GLU E 191 10.41 52.67 3.19
CA GLU E 191 10.01 52.80 1.79
C GLU E 191 10.25 51.48 1.07
N SER E 192 9.37 51.17 0.11
CA SER E 192 9.44 49.92 -0.62
C SER E 192 10.60 49.93 -1.61
N VAL E 193 10.92 48.74 -2.14
CA VAL E 193 12.01 48.57 -3.09
C VAL E 193 11.70 47.35 -3.95
N SER E 194 12.01 47.45 -5.24
CA SER E 194 11.83 46.35 -6.19
C SER E 194 13.21 45.92 -6.69
N ILE E 195 13.62 44.70 -6.37
CA ILE E 195 14.90 44.16 -6.78
C ILE E 195 14.64 43.16 -7.89
N SER E 196 15.24 43.38 -9.06
CA SER E 196 14.94 42.60 -10.24
C SER E 196 16.09 41.69 -10.63
N CYS E 197 15.77 40.72 -11.49
CA CYS E 197 16.72 39.69 -11.91
C CYS E 197 16.25 39.14 -13.24
N ARG E 198 17.01 39.41 -14.30
CA ARG E 198 16.70 38.95 -15.64
C ARG E 198 17.55 37.73 -15.98
N SER E 199 16.95 36.74 -16.62
CA SER E 199 17.66 35.53 -17.01
C SER E 199 17.79 35.43 -18.53
N SER E 200 18.68 34.56 -18.98
CA SER E 200 18.86 34.35 -20.41
C SER E 200 17.88 33.32 -20.96
N LYS E 201 17.84 32.13 -20.37
CA LYS E 201 16.85 31.13 -20.71
C LYS E 201 15.65 31.26 -19.77
N SER E 202 14.46 31.00 -20.32
CA SER E 202 13.22 31.08 -19.55
C SER E 202 13.17 29.98 -18.50
N LEU E 203 12.93 30.37 -17.24
CA LEU E 203 12.94 29.45 -16.12
C LEU E 203 11.60 28.79 -15.88
N LEU E 204 10.56 29.20 -16.60
CA LEU E 204 9.27 28.55 -16.51
C LEU E 204 9.32 27.19 -17.18
N HIS E 205 9.14 26.14 -16.40
CA HIS E 205 9.14 24.79 -16.93
C HIS E 205 7.72 24.46 -17.41
N SER E 206 7.60 23.37 -18.16
CA SER E 206 6.30 22.95 -18.67
C SER E 206 5.38 22.43 -17.58
N ASN E 207 5.91 22.05 -16.42
CA ASN E 207 5.08 21.58 -15.32
C ASN E 207 4.33 22.69 -14.61
N GLY E 208 4.74 23.94 -14.81
CA GLY E 208 4.12 25.08 -14.16
C GLY E 208 4.98 25.74 -13.11
N ASN E 209 6.16 25.21 -12.83
CA ASN E 209 7.07 25.76 -11.85
C ASN E 209 8.08 26.67 -12.53
N THR E 210 8.28 27.85 -11.97
CA THR E 210 9.35 28.75 -12.39
C THR E 210 10.43 28.66 -11.32
N TYR E 211 11.60 28.14 -11.69
CA TYR E 211 12.61 27.76 -10.70
C TYR E 211 13.55 28.93 -10.45
N LEU E 212 13.13 29.83 -9.58
CA LEU E 212 13.97 30.95 -9.20
C LEU E 212 13.87 31.21 -7.70
N TYR E 213 15.04 31.39 -7.09
CA TYR E 213 15.23 31.44 -5.65
C TYR E 213 15.85 32.79 -5.30
N TRP E 214 15.45 33.36 -4.18
CA TRP E 214 16.05 34.60 -3.68
C TRP E 214 16.77 34.32 -2.37
N PHE E 215 17.91 34.97 -2.18
CA PHE E 215 18.72 34.81 -0.98
C PHE E 215 19.13 36.18 -0.46
N LEU E 216 19.23 36.29 0.86
CA LEU E 216 19.67 37.50 1.53
C LEU E 216 20.87 37.18 2.39
N GLN E 217 21.99 37.86 2.15
CA GLN E 217 23.18 37.71 2.97
C GLN E 217 23.33 38.95 3.83
N ARG E 218 23.00 38.82 5.11
CA ARG E 218 23.26 39.86 6.11
C ARG E 218 24.77 40.09 6.19
N PRO E 219 25.21 41.34 6.43
CA PRO E 219 26.65 41.64 6.30
C PRO E 219 27.51 41.03 7.39
N GLY E 220 28.24 39.99 7.02
CA GLY E 220 29.04 39.21 7.94
C GLY E 220 28.55 37.80 8.18
N GLN E 221 27.36 37.47 7.70
CA GLN E 221 26.71 36.18 7.97
C GLN E 221 26.66 35.33 6.71
N SER E 222 26.02 34.18 6.82
CA SER E 222 25.69 33.34 5.68
C SER E 222 24.46 33.90 4.98
N PRO E 223 24.28 33.62 3.70
CA PRO E 223 23.01 33.95 3.05
C PRO E 223 21.93 32.95 3.41
N GLN E 224 20.68 33.41 3.35
CA GLN E 224 19.57 32.61 3.81
C GLN E 224 18.39 32.78 2.86
N LEU E 225 17.57 31.73 2.77
CA LEU E 225 16.51 31.65 1.77
C LEU E 225 15.36 32.60 2.10
N LEU E 226 14.94 33.38 1.10
CA LEU E 226 13.76 34.21 1.21
C LEU E 226 12.59 33.66 0.42
N ILE E 227 12.78 33.47 -0.88
CA ILE E 227 11.73 33.03 -1.81
C ILE E 227 12.24 31.76 -2.46
N TYR E 228 11.35 30.79 -2.66
CA TYR E 228 11.72 29.60 -3.41
C TYR E 228 10.69 29.36 -4.50
N ARG E 229 11.18 29.08 -5.71
CA ARG E 229 10.37 28.89 -6.92
C ARG E 229 9.49 30.11 -7.22
N MET E 230 10.09 31.30 -7.08
CA MET E 230 9.71 32.62 -7.58
C MET E 230 8.53 33.26 -6.85
N SER E 231 7.75 32.50 -6.10
CA SER E 231 6.57 33.12 -5.50
C SER E 231 6.23 32.60 -4.12
N ASN E 232 6.98 31.68 -3.54
CA ASN E 232 6.67 31.14 -2.24
C ASN E 232 7.35 32.01 -1.18
N LEU E 233 7.36 31.55 0.06
CA LEU E 233 7.93 32.34 1.14
C LEU E 233 8.49 31.34 2.13
N ALA E 234 9.78 31.47 2.44
CA ALA E 234 10.45 30.50 3.29
C ALA E 234 9.96 30.63 4.73
N SER E 235 10.18 29.56 5.50
CA SER E 235 9.67 29.49 6.86
C SER E 235 10.55 30.33 7.78
N GLY E 236 9.92 31.19 8.57
CA GLY E 236 10.63 32.15 9.37
C GLY E 236 10.86 33.50 8.71
N VAL E 237 10.17 33.78 7.62
CA VAL E 237 10.38 35.00 6.84
C VAL E 237 9.10 35.83 6.94
N PRO E 238 9.18 37.14 7.13
CA PRO E 238 7.97 37.97 7.16
C PRO E 238 7.25 38.01 5.81
N ASP E 239 5.98 38.41 5.87
CA ASP E 239 5.18 38.58 4.67
C ASP E 239 5.40 39.93 3.99
N ARG E 240 6.35 40.72 4.50
CA ARG E 240 6.79 41.93 3.82
C ARG E 240 7.43 41.60 2.48
N PHE E 241 8.25 40.55 2.46
CA PHE E 241 8.86 40.07 1.23
C PHE E 241 7.82 39.37 0.37
N SER E 242 7.97 39.52 -0.95
CA SER E 242 7.09 38.86 -1.89
C SER E 242 7.83 38.69 -3.21
N GLY E 243 7.44 37.67 -3.95
CA GLY E 243 8.09 37.35 -5.21
C GLY E 243 7.08 37.39 -6.35
N SER E 244 7.55 37.86 -7.51
CA SER E 244 6.69 37.99 -8.66
C SER E 244 7.53 37.83 -9.91
N GLY E 245 6.87 37.79 -11.06
CA GLY E 245 7.57 37.65 -12.32
C GLY E 245 6.87 36.76 -13.29
N SER E 246 7.43 36.59 -14.49
CA SER E 246 6.83 35.74 -15.50
C SER E 246 7.93 35.28 -16.46
N GLY E 247 8.39 34.04 -16.28
CA GLY E 247 9.26 33.40 -17.25
C GLY E 247 10.70 33.86 -17.32
N THR E 248 10.92 35.15 -17.54
CA THR E 248 12.28 35.62 -17.83
C THR E 248 12.64 36.81 -16.95
N ALA E 249 11.67 37.63 -16.57
CA ALA E 249 11.90 38.78 -15.70
C ALA E 249 11.25 38.52 -14.35
N PHE E 250 11.95 38.90 -13.28
CA PHE E 250 11.54 38.55 -11.93
C PHE E 250 11.77 39.75 -11.03
N THR E 251 11.02 39.81 -9.93
CA THR E 251 11.07 40.96 -9.05
C THR E 251 10.90 40.50 -7.60
N LEU E 252 11.77 40.97 -6.73
CA LEU E 252 11.59 40.85 -5.29
C LEU E 252 11.14 42.20 -4.74
N THR E 253 10.04 42.22 -4.01
CA THR E 253 9.46 43.46 -3.50
C THR E 253 9.39 43.40 -1.98
N ILE E 254 10.03 44.37 -1.33
CA ILE E 254 9.94 44.53 0.12
C ILE E 254 8.94 45.64 0.40
N SER E 255 8.11 45.45 1.42
CA SER E 255 7.16 46.45 1.85
C SER E 255 7.44 46.79 3.31
N ARG E 256 7.53 48.10 3.61
CA ARG E 256 7.83 48.65 4.93
C ARG E 256 9.16 48.11 5.45
N LEU E 257 10.22 48.54 4.76
CA LEU E 257 11.56 48.03 5.00
C LEU E 257 12.09 48.47 6.35
N GLU E 258 12.55 47.49 7.13
CA GLU E 258 13.23 47.69 8.40
C GLU E 258 14.74 47.69 8.15
N ALA E 259 15.49 48.31 9.07
CA ALA E 259 16.95 48.35 8.93
C ALA E 259 17.61 47.14 9.59
N GLU E 260 17.07 45.96 9.30
CA GLU E 260 17.74 44.70 9.51
C GLU E 260 17.61 43.82 8.29
N ASP E 261 16.90 44.29 7.26
CA ASP E 261 16.88 43.72 5.92
C ASP E 261 18.06 44.19 5.08
N VAL E 262 18.98 44.95 5.65
CA VAL E 262 20.10 45.51 4.89
C VAL E 262 21.10 44.40 4.58
N GLY E 263 21.63 44.41 3.37
CA GLY E 263 22.54 43.39 2.92
C GLY E 263 22.47 43.26 1.41
N VAL E 264 22.98 42.12 0.92
CA VAL E 264 23.09 41.86 -0.51
C VAL E 264 22.08 40.79 -0.89
N TYR E 265 21.39 41.00 -2.01
CA TYR E 265 20.32 40.12 -2.46
C TYR E 265 20.77 39.36 -3.69
N TYR E 266 20.60 38.04 -3.66
CA TYR E 266 21.05 37.14 -4.71
C TYR E 266 19.87 36.38 -5.29
N CYS E 267 19.83 36.25 -6.61
CA CYS E 267 18.87 35.42 -7.30
C CYS E 267 19.59 34.20 -7.85
N MET E 268 19.00 33.03 -7.65
CA MET E 268 19.59 31.79 -8.14
C MET E 268 18.60 31.09 -9.05
N GLN E 269 19.13 30.50 -10.11
CA GLN E 269 18.39 29.61 -11.00
C GLN E 269 18.58 28.16 -10.57
N HIS E 270 17.48 27.40 -10.58
CA HIS E 270 17.56 25.96 -10.30
C HIS E 270 16.89 25.16 -11.40
N LEU E 271 16.90 25.68 -12.62
CA LEU E 271 16.22 25.00 -13.72
C LEU E 271 17.08 23.87 -14.29
N GLU E 272 18.37 24.12 -14.47
CA GLU E 272 19.32 23.21 -15.07
C GLU E 272 20.60 23.21 -14.25
N TYR E 273 21.34 22.10 -14.30
CA TYR E 273 22.68 22.18 -13.73
C TYR E 273 23.68 22.61 -14.79
N PRO E 274 24.67 23.48 -14.47
CA PRO E 274 25.08 24.04 -13.18
C PRO E 274 24.14 25.11 -12.65
N LEU E 275 24.12 25.30 -11.33
CA LEU E 275 23.26 26.30 -10.73
C LEU E 275 23.98 27.64 -10.76
N THR E 276 23.32 28.65 -11.32
CA THR E 276 23.95 29.95 -11.52
C THR E 276 23.26 31.02 -10.70
N PHE E 277 24.06 31.84 -10.05
CA PHE E 277 23.61 32.97 -9.25
C PHE E 277 23.70 34.26 -10.06
N GLY E 278 22.99 35.28 -9.59
CA GLY E 278 23.18 36.60 -10.11
C GLY E 278 24.41 37.25 -9.52
N ALA E 279 24.71 38.45 -10.03
CA ALA E 279 25.88 39.18 -9.56
C ALA E 279 25.67 39.80 -8.18
N GLY E 280 24.43 39.93 -7.73
CA GLY E 280 24.12 40.50 -6.44
C GLY E 280 23.58 41.92 -6.57
N THR E 281 22.86 42.33 -5.53
CA THR E 281 22.33 43.69 -5.43
C THR E 281 22.30 44.05 -3.94
N LYS E 282 23.14 44.99 -3.54
CA LYS E 282 23.13 45.39 -2.14
C LYS E 282 22.20 46.57 -1.91
N LEU E 283 21.59 46.59 -0.73
CA LEU E 283 20.86 47.74 -0.23
C LEU E 283 21.66 48.35 0.91
N GLU E 284 21.49 49.65 1.14
CA GLU E 284 22.30 50.36 2.12
C GLU E 284 21.42 51.32 2.91
N LEU E 285 22.05 52.25 3.62
CA LEU E 285 21.38 52.98 4.69
C LEU E 285 21.41 54.49 4.49
N LYS E 286 21.00 54.96 3.31
CA LYS E 286 20.89 56.40 3.08
C LYS E 286 19.71 56.94 3.88
C10 CZX F . 21.33 -31.02 -29.71
C13 CZX F . 16.35 -30.95 -30.18
C15 CZX F . 14.99 -29.36 -30.61
C03 CZX F . 18.60 -29.70 -30.30
C04 CZX F . 19.15 -29.74 -28.88
C05 CZX F . 20.50 -30.40 -28.59
C06 CZX F . 17.07 -29.83 -30.36
C07 CZX F . 19.00 -28.37 -30.93
C08 CZX F . 21.04 -30.44 -27.17
C09 CZX F . 18.35 -29.13 -27.73
C11 CZX F . 20.23 -29.83 -26.02
C12 CZX F . 18.89 -29.18 -26.30
C14 CZX F . 22.38 -31.09 -26.90
N01 CZX F . 16.24 -28.86 -30.63
N02 CZX F . 15.08 -30.66 -30.32
#